data_4ZUM
#
_entry.id   4ZUM
#
_cell.length_a   45.119
_cell.length_b   121.351
_cell.length_c   64.295
_cell.angle_alpha   90.00
_cell.angle_beta   96.76
_cell.angle_gamma   90.00
#
_symmetry.space_group_name_H-M   'P 1 21 1'
#
loop_
_entity.id
_entity.type
_entity.pdbx_description
1 polymer 'Acetylpolyamine aminohydrolase'
2 non-polymer 'ZINC ION'
3 non-polymer 'POTASSIUM ION'
4 non-polymer 'SODIUM ION'
5 non-polymer 7-[(3-aminopropyl)amino]-1,1,1-trifluoroheptane-2,2-diol
6 non-polymer 'NITRATE ION'
7 non-polymer GLYCEROL
8 water water
#
_entity_poly.entity_id   1
_entity_poly.type   'polypeptide(L)'
_entity_poly.pdbx_seq_one_letter_code
;MRVIFSEDHKLRNAKTELYGGELVPPFEAPFRAEWILAAVKEAGFDDVVAPARHGLETVLKVHDAGYLNFLETAWDRWKA
AGYKGEAIATSFPVRRTSPRIPTDIEGQIGYYCNAAETAISPGTWEAALSSMASAIDGADLIAAGHKAAFSLCRPPGHHA
GIDMFGGYCFINNAAVAAQRLLDKGAKKIAILDVDFHHGNGTQDIFYERGDVFFASLHGDPAEAFPHFLGYAEETGKGAG
AGTTANYPMGRGTPYSVWGEALTDSLKRIAAFGAEAIVVSLGVDTFEQDPISFFKLTSPDYITMGRTIAASGVPLLVVME
GGYGVPEIGLNVANVLKGVAG
;
_entity_poly.pdbx_strand_id   A,B
#
# COMPACT_ATOMS: atom_id res chain seq x y z
N MET A 1 -33.02 18.01 -18.13
CA MET A 1 -31.61 18.24 -17.84
C MET A 1 -30.72 17.59 -18.88
N ARG A 2 -29.57 18.19 -19.10
CA ARG A 2 -28.61 17.66 -20.03
C ARG A 2 -27.82 16.53 -19.37
N VAL A 3 -27.50 15.53 -20.18
CA VAL A 3 -26.64 14.43 -19.78
C VAL A 3 -25.35 14.58 -20.58
N ILE A 4 -24.23 14.75 -19.88
N ILE A 4 -24.22 14.71 -19.88
CA ILE A 4 -22.93 14.89 -20.55
CA ILE A 4 -22.93 14.89 -20.52
C ILE A 4 -22.19 13.57 -20.46
C ILE A 4 -22.17 13.57 -20.45
N PHE A 5 -21.78 13.05 -21.60
CA PHE A 5 -21.20 11.71 -21.65
C PHE A 5 -20.22 11.58 -22.81
N SER A 6 -19.03 11.05 -22.53
CA SER A 6 -18.03 10.80 -23.55
C SER A 6 -17.85 9.31 -23.86
N GLU A 7 -17.90 8.97 -25.14
CA GLU A 7 -17.59 7.62 -25.58
C GLU A 7 -16.13 7.25 -25.29
N ASP A 8 -15.30 8.23 -24.98
CA ASP A 8 -13.89 7.95 -24.67
C ASP A 8 -13.71 7.26 -23.31
N HIS A 9 -14.78 7.11 -22.54
CA HIS A 9 -14.66 6.29 -21.33
C HIS A 9 -14.14 4.88 -21.67
N LYS A 10 -14.48 4.40 -22.86
CA LYS A 10 -14.15 3.02 -23.26
C LYS A 10 -12.64 2.79 -23.38
N LEU A 11 -11.87 3.86 -23.43
CA LEU A 11 -10.41 3.74 -23.47
C LEU A 11 -9.87 3.16 -22.18
N ARG A 12 -10.63 3.27 -21.09
CA ARG A 12 -10.30 2.51 -19.91
C ARG A 12 -11.07 1.19 -19.96
N ASN A 13 -10.34 0.13 -20.29
CA ASN A 13 -10.93 -1.20 -20.38
C ASN A 13 -9.89 -2.17 -19.84
N ALA A 14 -9.57 -2.00 -18.57
CA ALA A 14 -8.58 -2.83 -17.91
C ALA A 14 -9.02 -4.29 -17.86
N LYS A 15 -8.03 -5.18 -17.94
N LYS A 15 -8.04 -5.18 -17.92
CA LYS A 15 -8.29 -6.62 -17.94
CA LYS A 15 -8.33 -6.61 -17.93
C LYS A 15 -8.36 -7.19 -16.52
C LYS A 15 -8.34 -7.21 -16.52
N THR A 16 -7.69 -6.55 -15.57
CA THR A 16 -7.50 -7.15 -14.24
C THR A 16 -7.77 -6.20 -13.10
N GLU A 17 -8.26 -6.81 -12.02
CA GLU A 17 -8.46 -6.17 -10.74
C GLU A 17 -8.04 -7.17 -9.67
N LEU A 18 -7.26 -6.73 -8.69
CA LEU A 18 -6.86 -7.61 -7.60
C LEU A 18 -7.97 -7.64 -6.58
N TYR A 19 -8.65 -8.78 -6.49
CA TYR A 19 -9.80 -8.95 -5.59
C TYR A 19 -9.74 -10.36 -4.97
N GLY A 20 -9.73 -10.43 -3.63
CA GLY A 20 -9.69 -11.71 -2.95
C GLY A 20 -8.47 -12.52 -3.29
N GLY A 21 -7.33 -11.86 -3.50
CA GLY A 21 -6.09 -12.55 -3.81
C GLY A 21 -6.05 -13.15 -5.20
N GLU A 22 -6.94 -12.69 -6.08
CA GLU A 22 -6.98 -13.15 -7.48
C GLU A 22 -7.00 -11.96 -8.40
N LEU A 23 -6.59 -12.16 -9.64
CA LEU A 23 -6.76 -11.14 -10.66
C LEU A 23 -7.98 -11.51 -11.48
N VAL A 24 -9.00 -10.67 -11.39
CA VAL A 24 -10.32 -10.97 -11.94
C VAL A 24 -10.71 -9.82 -12.87
N PRO A 25 -11.73 -10.03 -13.71
CA PRO A 25 -12.19 -8.90 -14.53
C PRO A 25 -12.71 -7.76 -13.64
N PRO A 26 -12.38 -6.51 -13.96
CA PRO A 26 -12.78 -5.40 -13.09
C PRO A 26 -14.29 -5.25 -12.97
N PHE A 27 -14.70 -4.87 -11.77
CA PHE A 27 -16.07 -4.44 -11.54
C PHE A 27 -16.39 -3.16 -12.28
N GLU A 28 -15.41 -2.26 -12.36
CA GLU A 28 -15.64 -0.95 -12.96
C GLU A 28 -15.34 -1.03 -14.47
N ALA A 29 -16.29 -1.61 -15.19
CA ALA A 29 -16.11 -1.97 -16.59
C ALA A 29 -16.94 -1.10 -17.52
N PRO A 30 -16.55 -1.00 -18.79
CA PRO A 30 -17.25 -0.13 -19.73
C PRO A 30 -18.75 -0.37 -19.83
N PHE A 31 -19.19 -1.61 -19.67
CA PHE A 31 -20.62 -1.87 -19.76
C PHE A 31 -21.45 -1.11 -18.73
N ARG A 32 -20.85 -0.69 -17.62
CA ARG A 32 -21.59 0.11 -16.64
C ARG A 32 -22.13 1.37 -17.30
N ALA A 33 -21.29 2.03 -18.10
CA ALA A 33 -21.73 3.28 -18.71
C ALA A 33 -22.85 3.03 -19.73
N GLU A 34 -22.73 1.94 -20.46
N GLU A 34 -22.75 1.93 -20.44
CA GLU A 34 -23.78 1.56 -21.41
CA GLU A 34 -23.76 1.56 -21.42
C GLU A 34 -25.11 1.36 -20.70
C GLU A 34 -25.12 1.29 -20.75
N TRP A 35 -25.08 0.59 -19.61
CA TRP A 35 -26.29 0.31 -18.84
C TRP A 35 -26.91 1.60 -18.30
N ILE A 36 -26.07 2.48 -17.79
CA ILE A 36 -26.58 3.71 -17.22
C ILE A 36 -27.15 4.63 -18.31
N LEU A 37 -26.42 4.78 -19.42
CA LEU A 37 -26.90 5.66 -20.47
C LEU A 37 -28.22 5.15 -21.03
N ALA A 38 -28.35 3.86 -21.27
CA ALA A 38 -29.59 3.34 -21.81
C ALA A 38 -30.78 3.59 -20.87
N ALA A 39 -30.54 3.45 -19.56
CA ALA A 39 -31.64 3.63 -18.62
C ALA A 39 -32.04 5.10 -18.46
N VAL A 40 -31.08 6.00 -18.48
CA VAL A 40 -31.44 7.42 -18.39
C VAL A 40 -32.24 7.86 -19.61
N LYS A 41 -31.82 7.41 -20.79
CA LYS A 41 -32.57 7.70 -22.01
C LYS A 41 -34.00 7.14 -21.93
N GLU A 42 -34.12 5.90 -21.45
CA GLU A 42 -35.41 5.25 -21.31
C GLU A 42 -36.34 6.05 -20.39
N ALA A 43 -35.76 6.70 -19.38
CA ALA A 43 -36.52 7.50 -18.42
C ALA A 43 -36.83 8.89 -18.96
N GLY A 44 -36.44 9.16 -20.21
CA GLY A 44 -36.77 10.43 -20.82
C GLY A 44 -35.65 11.46 -20.81
N PHE A 45 -34.48 11.11 -20.25
CA PHE A 45 -33.36 12.04 -20.23
C PHE A 45 -32.49 11.76 -21.43
N ASP A 46 -32.94 12.19 -22.59
CA ASP A 46 -32.26 11.86 -23.83
C ASP A 46 -31.53 13.04 -24.47
N ASP A 47 -31.37 14.15 -23.74
CA ASP A 47 -30.58 15.27 -24.22
C ASP A 47 -29.13 14.99 -23.83
N VAL A 48 -28.52 14.08 -24.59
CA VAL A 48 -27.17 13.58 -24.33
C VAL A 48 -26.18 14.25 -25.24
N VAL A 49 -25.13 14.81 -24.66
N VAL A 49 -25.15 14.83 -24.66
CA VAL A 49 -24.14 15.60 -25.38
CA VAL A 49 -24.14 15.52 -25.44
C VAL A 49 -22.72 15.22 -24.96
C VAL A 49 -22.75 15.08 -24.99
N ALA A 50 -21.81 15.07 -25.93
CA ALA A 50 -20.41 14.83 -25.61
C ALA A 50 -19.80 16.09 -24.98
N PRO A 51 -18.87 15.93 -24.04
CA PRO A 51 -18.21 17.13 -23.50
C PRO A 51 -17.23 17.70 -24.52
N ALA A 52 -17.06 19.01 -24.43
CA ALA A 52 -15.90 19.65 -25.05
C ALA A 52 -14.65 19.16 -24.33
N ARG A 53 -13.53 19.11 -25.03
N ARG A 53 -13.52 19.10 -25.04
N ARG A 53 -13.53 19.13 -25.04
CA ARG A 53 -12.28 18.74 -24.38
CA ARG A 53 -12.29 18.76 -24.36
CA ARG A 53 -12.26 18.79 -24.43
C ARG A 53 -11.77 19.91 -23.53
C ARG A 53 -11.83 19.92 -23.49
C ARG A 53 -11.78 19.93 -23.52
N HIS A 54 -11.05 19.58 -22.48
CA HIS A 54 -10.46 20.58 -21.58
C HIS A 54 -9.03 20.29 -21.31
N GLY A 55 -8.26 21.35 -21.07
CA GLY A 55 -6.90 21.19 -20.61
C GLY A 55 -6.86 21.07 -19.09
N LEU A 56 -5.77 21.48 -18.49
CA LEU A 56 -5.50 21.16 -17.10
C LEU A 56 -5.70 22.30 -16.13
N GLU A 57 -6.17 23.45 -16.62
N GLU A 57 -6.19 23.45 -16.59
N GLU A 57 -6.20 23.44 -16.61
CA GLU A 57 -6.37 24.64 -15.79
CA GLU A 57 -6.22 24.60 -15.72
CA GLU A 57 -6.30 24.65 -15.78
C GLU A 57 -7.05 24.31 -14.48
C GLU A 57 -7.09 24.38 -14.45
C GLU A 57 -7.12 24.45 -14.49
N THR A 58 -8.26 23.79 -14.60
CA THR A 58 -9.10 23.55 -13.44
C THR A 58 -8.52 22.45 -12.56
N VAL A 59 -8.14 21.34 -13.16
CA VAL A 59 -7.72 20.19 -12.38
C VAL A 59 -6.42 20.46 -11.59
N LEU A 60 -5.56 21.35 -12.08
CA LEU A 60 -4.32 21.65 -11.35
C LEU A 60 -4.59 22.36 -10.03
N LYS A 61 -5.81 22.86 -9.86
CA LYS A 61 -6.18 23.51 -8.60
C LYS A 61 -6.66 22.50 -7.53
N VAL A 62 -6.90 21.26 -7.93
CA VAL A 62 -7.29 20.23 -6.96
C VAL A 62 -6.34 19.03 -6.89
N HIS A 63 -5.62 18.75 -7.97
CA HIS A 63 -4.61 17.68 -7.92
C HIS A 63 -3.21 18.24 -8.07
N ASP A 64 -2.28 17.54 -7.44
CA ASP A 64 -0.86 17.85 -7.53
C ASP A 64 -0.33 17.63 -8.95
N ALA A 65 0.53 18.55 -9.40
CA ALA A 65 1.08 18.46 -10.77
C ALA A 65 1.95 17.23 -10.99
N GLY A 66 2.75 16.86 -10.01
CA GLY A 66 3.56 15.66 -10.15
C GLY A 66 2.71 14.41 -10.30
N TYR A 67 1.62 14.36 -9.54
CA TYR A 67 0.66 13.27 -9.66
C TYR A 67 0.09 13.20 -11.08
N LEU A 68 -0.38 14.32 -11.62
CA LEU A 68 -0.93 14.27 -12.96
C LEU A 68 0.13 13.89 -14.00
N ASN A 69 1.35 14.39 -13.82
CA ASN A 69 2.44 14.00 -14.73
C ASN A 69 2.71 12.50 -14.66
N PHE A 70 2.66 11.96 -13.45
CA PHE A 70 2.83 10.54 -13.27
C PHE A 70 1.74 9.75 -14.02
N LEU A 71 0.47 10.16 -13.90
CA LEU A 71 -0.59 9.39 -14.56
C LEU A 71 -0.42 9.41 -16.08
N GLU A 72 0.06 10.54 -16.61
CA GLU A 72 0.16 10.72 -18.05
C GLU A 72 1.13 9.72 -18.67
N THR A 73 2.17 9.32 -17.94
CA THR A 73 3.17 8.42 -18.53
C THR A 73 3.27 7.07 -17.85
N ALA A 74 2.40 6.79 -16.87
CA ALA A 74 2.59 5.58 -16.07
C ALA A 74 2.57 4.29 -16.90
N TRP A 75 1.60 4.19 -17.79
CA TRP A 75 1.48 2.99 -18.59
C TRP A 75 2.72 2.78 -19.45
N ASP A 76 3.12 3.83 -20.15
CA ASP A 76 4.28 3.71 -21.03
C ASP A 76 5.54 3.31 -20.24
N ARG A 77 5.70 3.88 -19.05
CA ARG A 77 6.88 3.53 -18.27
C ARG A 77 6.83 2.11 -17.73
N TRP A 78 5.64 1.67 -17.32
CA TRP A 78 5.48 0.31 -16.85
C TRP A 78 5.83 -0.70 -17.94
N LYS A 79 5.29 -0.47 -19.14
CA LYS A 79 5.57 -1.36 -20.26
C LYS A 79 7.06 -1.34 -20.63
N ALA A 80 7.67 -0.17 -20.60
CA ALA A 80 9.10 -0.05 -20.96
C ALA A 80 9.99 -0.79 -19.97
N ALA A 81 9.52 -0.91 -18.73
CA ALA A 81 10.27 -1.59 -17.68
C ALA A 81 10.21 -3.12 -17.85
N GLY A 82 9.39 -3.59 -18.78
CA GLY A 82 9.35 -5.00 -19.11
C GLY A 82 8.31 -5.84 -18.37
N TYR A 83 7.51 -5.21 -17.52
CA TYR A 83 6.48 -5.95 -16.80
C TYR A 83 5.41 -6.48 -17.74
N LYS A 84 4.88 -7.65 -17.41
CA LYS A 84 4.01 -8.38 -18.32
C LYS A 84 2.52 -8.16 -18.07
N GLY A 85 2.15 -7.83 -16.84
CA GLY A 85 0.76 -7.56 -16.52
C GLY A 85 0.44 -6.08 -16.60
N GLU A 86 -0.75 -5.71 -16.16
CA GLU A 86 -1.11 -4.31 -16.06
C GLU A 86 -0.37 -3.67 -14.88
N ALA A 87 -0.43 -2.34 -14.77
CA ALA A 87 0.39 -1.63 -13.80
C ALA A 87 -0.30 -1.57 -12.44
N ILE A 88 0.24 -2.33 -11.49
CA ILE A 88 -0.35 -2.50 -10.16
C ILE A 88 0.74 -2.23 -9.13
N ALA A 89 0.44 -1.30 -8.23
CA ALA A 89 1.36 -0.95 -7.14
C ALA A 89 1.50 -2.05 -6.12
N THR A 90 2.69 -2.16 -5.54
CA THR A 90 2.99 -3.14 -4.51
C THR A 90 3.52 -2.49 -3.21
N SER A 91 4.50 -1.61 -3.32
N SER A 91 4.48 -1.60 -3.32
CA SER A 91 5.04 -0.93 -2.15
CA SER A 91 5.08 -1.00 -2.13
C SER A 91 4.32 0.37 -1.93
C SER A 91 4.48 0.39 -1.90
N PHE A 92 4.08 0.67 -0.66
CA PHE A 92 3.33 1.89 -0.32
C PHE A 92 4.01 2.69 0.78
N PRO A 93 3.86 4.04 0.74
CA PRO A 93 4.45 4.89 1.77
C PRO A 93 3.51 4.91 3.00
N VAL A 94 3.68 3.90 3.85
CA VAL A 94 2.80 3.70 5.00
C VAL A 94 3.43 4.31 6.25
N ARG A 95 3.14 3.78 7.45
CA ARG A 95 3.60 4.41 8.68
C ARG A 95 5.10 4.58 8.71
N ARG A 96 5.55 5.75 9.17
CA ARG A 96 6.96 5.96 9.48
C ARG A 96 7.88 5.74 8.28
N THR A 97 7.44 6.17 7.12
CA THR A 97 8.25 6.14 5.90
C THR A 97 8.84 7.51 5.60
N SER A 98 9.86 7.51 4.76
CA SER A 98 10.38 8.74 4.19
C SER A 98 9.32 9.42 3.35
N PRO A 99 9.30 10.75 3.32
CA PRO A 99 8.36 11.46 2.44
C PRO A 99 8.88 11.62 1.02
N ARG A 100 10.08 11.13 0.75
CA ARG A 100 10.69 11.33 -0.56
C ARG A 100 9.97 10.59 -1.68
N ILE A 101 10.02 11.18 -2.87
CA ILE A 101 9.40 10.60 -4.05
C ILE A 101 10.44 9.77 -4.80
N PRO A 102 10.16 8.47 -5.01
CA PRO A 102 11.09 7.65 -5.82
C PRO A 102 11.19 8.16 -7.25
N THR A 103 12.17 7.67 -7.99
CA THR A 103 12.32 8.09 -9.37
C THR A 103 11.83 7.03 -10.36
N ASP A 104 11.82 5.78 -9.95
N ASP A 104 11.85 5.77 -9.97
CA ASP A 104 11.50 4.67 -10.84
CA ASP A 104 11.50 4.73 -10.93
C ASP A 104 9.99 4.44 -10.93
C ASP A 104 10.01 4.41 -10.92
N ILE A 105 9.58 3.65 -11.91
CA ILE A 105 8.15 3.39 -12.05
C ILE A 105 7.54 2.57 -10.90
N GLU A 106 8.30 1.60 -10.43
N GLU A 106 8.23 1.56 -10.40
CA GLU A 106 7.88 0.72 -9.34
CA GLU A 106 7.64 0.78 -9.30
C GLU A 106 7.63 1.51 -8.05
C GLU A 106 7.51 1.65 -8.04
N GLY A 107 8.57 2.39 -7.72
CA GLY A 107 8.44 3.29 -6.59
C GLY A 107 7.37 4.36 -6.74
N GLN A 108 7.31 4.95 -7.93
CA GLN A 108 6.34 6.01 -8.14
C GLN A 108 4.91 5.52 -8.18
N ILE A 109 4.65 4.35 -8.77
CA ILE A 109 3.27 3.90 -8.79
C ILE A 109 2.75 3.67 -7.37
N GLY A 110 3.62 3.19 -6.48
CA GLY A 110 3.23 3.07 -5.09
C GLY A 110 3.10 4.41 -4.39
N TYR A 111 4.05 5.29 -4.63
CA TYR A 111 3.98 6.62 -4.03
C TYR A 111 2.65 7.31 -4.32
N TYR A 112 2.18 7.14 -5.57
CA TYR A 112 0.98 7.80 -6.04
C TYR A 112 -0.31 6.98 -5.93
N CYS A 113 -0.30 5.90 -5.15
CA CYS A 113 -1.46 5.01 -5.07
C CYS A 113 -1.93 4.80 -3.63
N ASN A 114 -3.25 4.75 -3.44
CA ASN A 114 -3.79 4.41 -2.13
C ASN A 114 -4.43 3.01 -2.03
N ALA A 115 -4.49 2.28 -3.13
CA ALA A 115 -5.24 1.03 -3.18
C ALA A 115 -4.81 0.21 -4.39
N ALA A 116 -4.33 -1.01 -4.15
CA ALA A 116 -3.71 -1.82 -5.18
C ALA A 116 -4.68 -2.60 -6.05
N GLU A 117 -5.97 -2.56 -5.74
CA GLU A 117 -6.88 -3.30 -6.58
C GLU A 117 -7.00 -2.69 -7.98
N THR A 118 -6.64 -1.42 -8.10
CA THR A 118 -6.81 -0.63 -9.31
C THR A 118 -5.54 -0.68 -10.16
N ALA A 119 -5.64 -1.31 -11.32
CA ALA A 119 -4.54 -1.38 -12.28
C ALA A 119 -4.61 -0.23 -13.24
N ILE A 120 -3.47 0.34 -13.61
CA ILE A 120 -3.41 1.28 -14.73
C ILE A 120 -3.20 0.48 -16.02
N SER A 121 -3.96 0.82 -17.04
CA SER A 121 -3.94 0.11 -18.31
C SER A 121 -3.84 1.12 -19.46
N PRO A 122 -3.53 0.65 -20.66
CA PRO A 122 -3.43 1.59 -21.78
C PRO A 122 -4.77 2.28 -22.01
N GLY A 123 -4.73 3.59 -22.19
CA GLY A 123 -5.97 4.33 -22.39
C GLY A 123 -6.54 4.93 -21.10
N THR A 124 -6.01 4.55 -19.95
CA THR A 124 -6.54 5.01 -18.68
C THR A 124 -6.48 6.53 -18.53
N TRP A 125 -5.34 7.12 -18.86
CA TRP A 125 -5.18 8.57 -18.73
C TRP A 125 -6.17 9.31 -19.65
N GLU A 126 -6.23 8.87 -20.91
N GLU A 126 -6.24 8.90 -20.92
CA GLU A 126 -7.12 9.47 -21.89
CA GLU A 126 -7.15 9.54 -21.86
C GLU A 126 -8.58 9.35 -21.44
C GLU A 126 -8.60 9.38 -21.39
N ALA A 127 -8.95 8.19 -20.92
CA ALA A 127 -10.31 7.99 -20.43
C ALA A 127 -10.59 8.91 -19.24
N ALA A 128 -9.64 9.01 -18.33
CA ALA A 128 -9.79 9.87 -17.16
C ALA A 128 -9.97 11.32 -17.54
N LEU A 129 -9.21 11.79 -18.52
CA LEU A 129 -9.39 13.14 -19.00
C LEU A 129 -10.77 13.38 -19.63
N SER A 130 -11.31 12.39 -20.32
CA SER A 130 -12.64 12.52 -20.92
C SER A 130 -13.70 12.59 -19.84
N SER A 131 -13.50 11.82 -18.77
CA SER A 131 -14.45 11.79 -17.66
C SER A 131 -14.42 13.13 -16.92
N MET A 132 -13.22 13.66 -16.74
CA MET A 132 -13.07 14.98 -16.16
C MET A 132 -13.78 16.03 -17.02
N ALA A 133 -13.62 15.91 -18.34
CA ALA A 133 -14.28 16.85 -19.25
C ALA A 133 -15.80 16.81 -19.08
N SER A 134 -16.38 15.62 -18.89
CA SER A 134 -17.82 15.55 -18.67
C SER A 134 -18.24 16.27 -17.40
N ALA A 135 -17.44 16.16 -16.35
CA ALA A 135 -17.72 16.87 -15.12
C ALA A 135 -17.59 18.39 -15.31
N ILE A 136 -16.56 18.82 -16.03
CA ILE A 136 -16.38 20.25 -16.26
C ILE A 136 -17.55 20.85 -17.05
N ASP A 137 -17.95 20.17 -18.12
CA ASP A 137 -19.08 20.68 -18.90
C ASP A 137 -20.39 20.71 -18.09
N GLY A 138 -20.60 19.71 -17.25
CA GLY A 138 -21.72 19.71 -16.32
C GLY A 138 -21.69 20.92 -15.40
N ALA A 139 -20.53 21.17 -14.80
CA ALA A 139 -20.36 22.33 -13.94
C ALA A 139 -20.65 23.62 -14.70
N ASP A 140 -20.20 23.70 -15.95
CA ASP A 140 -20.42 24.91 -16.72
C ASP A 140 -21.91 25.16 -16.97
N LEU A 141 -22.70 24.09 -17.10
CA LEU A 141 -24.14 24.27 -17.28
C LEU A 141 -24.73 24.85 -16.00
N ILE A 142 -24.31 24.33 -14.84
CA ILE A 142 -24.81 24.88 -13.59
C ILE A 142 -24.38 26.35 -13.43
N ALA A 143 -23.12 26.65 -13.75
CA ALA A 143 -22.62 28.03 -13.67
C ALA A 143 -23.41 28.97 -14.58
N ALA A 144 -23.93 28.44 -15.68
CA ALA A 144 -24.69 29.24 -16.65
C ALA A 144 -26.16 29.35 -16.30
N GLY A 145 -26.59 28.73 -15.21
CA GLY A 145 -27.95 28.93 -14.74
C GLY A 145 -28.86 27.72 -14.68
N HIS A 146 -28.41 26.58 -15.18
CA HIS A 146 -29.27 25.39 -15.12
C HIS A 146 -29.36 24.88 -13.68
N LYS A 147 -30.54 24.39 -13.28
CA LYS A 147 -30.69 23.89 -11.93
C LYS A 147 -30.31 22.43 -11.71
N ALA A 148 -30.09 21.70 -12.81
CA ALA A 148 -29.68 20.30 -12.76
C ALA A 148 -28.95 19.95 -14.03
N ALA A 149 -28.00 19.03 -13.89
CA ALA A 149 -27.31 18.41 -15.02
C ALA A 149 -26.74 17.10 -14.53
N PHE A 150 -26.52 16.16 -15.43
CA PHE A 150 -25.92 14.87 -15.10
C PHE A 150 -24.66 14.62 -15.91
N SER A 151 -23.53 14.50 -15.22
CA SER A 151 -22.25 14.14 -15.84
C SER A 151 -22.05 12.65 -15.68
N LEU A 152 -22.18 11.91 -16.78
CA LEU A 152 -22.03 10.47 -16.75
C LEU A 152 -20.54 10.14 -16.84
N CYS A 153 -19.87 10.33 -15.72
CA CYS A 153 -18.42 10.11 -15.59
C CYS A 153 -18.11 8.63 -15.51
N ARG A 154 -17.08 8.23 -16.25
CA ARG A 154 -16.44 6.93 -16.11
C ARG A 154 -15.06 7.12 -16.77
N PRO A 155 -13.96 6.84 -16.05
CA PRO A 155 -13.90 6.28 -14.69
C PRO A 155 -14.41 7.24 -13.64
N PRO A 156 -14.78 6.70 -12.48
CA PRO A 156 -15.25 7.50 -11.36
C PRO A 156 -14.09 8.24 -10.71
N GLY A 157 -14.39 9.03 -9.69
CA GLY A 157 -13.41 9.99 -9.19
C GLY A 157 -13.17 10.08 -7.70
N HIS A 158 -14.10 9.67 -6.83
CA HIS A 158 -14.04 10.18 -5.46
C HIS A 158 -12.98 9.55 -4.53
N HIS A 159 -12.33 8.48 -4.97
CA HIS A 159 -11.18 7.94 -4.22
C HIS A 159 -9.85 8.58 -4.59
N ALA A 160 -9.82 9.38 -5.64
CA ALA A 160 -8.58 10.03 -6.05
C ALA A 160 -8.37 11.27 -5.18
N GLY A 161 -7.27 11.28 -4.44
CA GLY A 161 -6.94 12.38 -3.53
C GLY A 161 -6.00 13.37 -4.19
N ILE A 162 -5.41 14.26 -3.39
CA ILE A 162 -4.60 15.30 -3.98
C ILE A 162 -3.53 14.70 -4.91
N ASP A 163 -2.89 13.64 -4.43
CA ASP A 163 -1.80 13.03 -5.18
C ASP A 163 -1.82 11.50 -5.10
N MET A 164 -3.02 10.93 -5.18
N MET A 164 -3.01 10.90 -5.16
CA MET A 164 -3.16 9.46 -5.11
CA MET A 164 -3.04 9.44 -5.18
C MET A 164 -4.30 8.99 -5.99
C MET A 164 -4.29 8.88 -5.85
N PHE A 165 -4.08 7.86 -6.68
CA PHE A 165 -5.17 7.13 -7.36
C PHE A 165 -5.52 5.87 -6.57
N GLY A 166 -6.68 5.31 -6.85
CA GLY A 166 -7.09 4.07 -6.20
C GLY A 166 -8.60 3.95 -6.23
N GLY A 167 -9.11 2.79 -5.85
CA GLY A 167 -10.56 2.60 -5.83
C GLY A 167 -11.22 2.89 -7.18
N TYR A 168 -10.51 2.54 -8.26
CA TYR A 168 -11.02 2.65 -9.63
C TYR A 168 -10.99 4.10 -10.16
N CYS A 169 -10.35 5.01 -9.41
CA CYS A 169 -10.42 6.45 -9.64
C CYS A 169 -9.04 7.03 -9.89
N PHE A 170 -8.97 8.02 -10.79
CA PHE A 170 -7.70 8.66 -11.16
C PHE A 170 -7.77 10.17 -11.07
N ILE A 171 -8.83 10.79 -11.61
CA ILE A 171 -9.02 12.22 -11.48
C ILE A 171 -10.33 12.38 -10.72
N ASN A 172 -10.32 13.26 -9.72
CA ASN A 172 -11.52 13.42 -8.89
C ASN A 172 -12.50 14.38 -9.58
N ASN A 173 -13.33 13.79 -10.42
CA ASN A 173 -14.28 14.52 -11.23
C ASN A 173 -15.15 15.49 -10.44
N ALA A 174 -15.67 15.02 -9.31
CA ALA A 174 -16.51 15.90 -8.48
C ALA A 174 -15.72 17.08 -7.93
N ALA A 175 -14.49 16.84 -7.50
CA ALA A 175 -13.65 17.91 -7.03
C ALA A 175 -13.36 18.93 -8.13
N VAL A 176 -13.08 18.44 -9.34
CA VAL A 176 -12.84 19.33 -10.45
C VAL A 176 -14.10 20.15 -10.75
N ALA A 177 -15.27 19.52 -10.67
CA ALA A 177 -16.51 20.25 -10.92
C ALA A 177 -16.72 21.35 -9.88
N ALA A 178 -16.49 21.00 -8.61
CA ALA A 178 -16.61 22.02 -7.57
C ALA A 178 -15.66 23.18 -7.81
N GLN A 179 -14.41 22.86 -8.16
CA GLN A 179 -13.44 23.91 -8.46
C GLN A 179 -13.89 24.77 -9.64
N ARG A 180 -14.46 24.12 -10.67
CA ARG A 180 -14.93 24.86 -11.82
C ARG A 180 -16.03 25.86 -11.43
N LEU A 181 -16.94 25.44 -10.54
CA LEU A 181 -18.00 26.34 -10.10
C LEU A 181 -17.46 27.53 -9.33
N LEU A 182 -16.46 27.28 -8.49
CA LEU A 182 -15.76 28.38 -7.81
C LEU A 182 -15.08 29.31 -8.82
N ASP A 183 -14.40 28.74 -9.80
CA ASP A 183 -13.73 29.56 -10.81
C ASP A 183 -14.70 30.41 -11.62
N LYS A 184 -15.91 29.90 -11.81
CA LYS A 184 -16.94 30.63 -12.57
C LYS A 184 -17.67 31.66 -11.74
N GLY A 185 -17.37 31.77 -10.44
CA GLY A 185 -17.97 32.82 -9.64
C GLY A 185 -18.54 32.46 -8.28
N ALA A 186 -18.74 31.18 -8.01
CA ALA A 186 -19.25 30.77 -6.71
C ALA A 186 -18.22 31.03 -5.62
N LYS A 187 -18.69 31.32 -4.41
CA LYS A 187 -17.78 31.46 -3.28
C LYS A 187 -17.83 30.26 -2.35
N LYS A 188 -18.96 29.56 -2.33
N LYS A 188 -18.97 29.56 -2.35
CA LYS A 188 -19.12 28.40 -1.46
CA LYS A 188 -19.19 28.42 -1.46
C LYS A 188 -19.89 27.30 -2.19
C LYS A 188 -19.87 27.32 -2.25
N ILE A 189 -19.32 26.10 -2.19
CA ILE A 189 -19.90 24.97 -2.92
C ILE A 189 -19.88 23.79 -1.99
N ALA A 190 -20.88 22.91 -2.07
CA ALA A 190 -20.83 21.64 -1.32
C ALA A 190 -20.74 20.45 -2.27
N ILE A 191 -20.09 19.40 -1.78
CA ILE A 191 -20.10 18.09 -2.44
C ILE A 191 -20.78 17.12 -1.50
N LEU A 192 -21.81 16.45 -1.99
CA LEU A 192 -22.58 15.49 -1.20
C LEU A 192 -22.37 14.12 -1.82
N ASP A 193 -21.71 13.23 -1.10
CA ASP A 193 -21.23 11.96 -1.64
C ASP A 193 -22.11 10.83 -1.11
N VAL A 194 -22.98 10.32 -1.98
CA VAL A 194 -23.96 9.29 -1.60
C VAL A 194 -23.60 7.90 -2.06
N ASP A 195 -22.46 7.77 -2.75
CA ASP A 195 -21.91 6.46 -3.07
C ASP A 195 -21.72 5.68 -1.77
N PHE A 196 -21.84 4.34 -1.85
CA PHE A 196 -21.66 3.51 -0.65
C PHE A 196 -20.31 3.76 0.03
N HIS A 197 -19.27 4.00 -0.75
CA HIS A 197 -17.93 4.14 -0.20
C HIS A 197 -17.62 5.58 0.19
N HIS A 198 -16.81 5.74 1.22
CA HIS A 198 -16.37 7.08 1.59
C HIS A 198 -15.61 7.71 0.42
N GLY A 199 -15.89 8.99 0.17
CA GLY A 199 -15.08 9.75 -0.80
C GLY A 199 -13.81 10.27 -0.16
N ASN A 200 -12.89 9.37 0.14
CA ASN A 200 -11.65 9.75 0.81
C ASN A 200 -10.81 10.69 -0.01
N GLY A 201 -10.83 10.51 -1.34
CA GLY A 201 -10.13 11.42 -2.22
C GLY A 201 -10.68 12.84 -2.17
N THR A 202 -12.00 12.96 -2.21
CA THR A 202 -12.63 14.26 -2.16
C THR A 202 -12.36 14.90 -0.80
N GLN A 203 -12.47 14.11 0.27
CA GLN A 203 -12.22 14.64 1.60
C GLN A 203 -10.81 15.22 1.67
N ASP A 204 -9.83 14.48 1.16
CA ASP A 204 -8.44 14.91 1.16
C ASP A 204 -8.27 16.24 0.44
N ILE A 205 -8.85 16.37 -0.75
CA ILE A 205 -8.68 17.57 -1.55
C ILE A 205 -9.19 18.82 -0.80
N PHE A 206 -10.31 18.69 -0.09
CA PHE A 206 -10.94 19.88 0.50
C PHE A 206 -10.83 19.99 2.01
N TYR A 207 -10.05 19.12 2.64
CA TYR A 207 -10.02 19.04 4.10
C TYR A 207 -9.60 20.32 4.78
N GLU A 208 -8.68 21.04 4.13
CA GLU A 208 -8.14 22.28 4.68
C GLU A 208 -8.61 23.50 3.90
N ARG A 209 -9.74 23.35 3.20
CA ARG A 209 -10.31 24.44 2.43
C ARG A 209 -11.68 24.83 2.98
N GLY A 210 -11.90 26.11 3.17
CA GLY A 210 -13.16 26.61 3.69
C GLY A 210 -14.18 26.97 2.64
N ASP A 211 -13.80 26.87 1.36
CA ASP A 211 -14.71 27.24 0.29
C ASP A 211 -15.59 26.08 -0.17
N VAL A 212 -15.29 24.88 0.28
CA VAL A 212 -16.04 23.70 -0.10
C VAL A 212 -16.38 22.92 1.16
N PHE A 213 -17.65 22.53 1.25
CA PHE A 213 -18.13 21.66 2.32
C PHE A 213 -18.28 20.27 1.73
N PHE A 214 -17.80 19.25 2.45
CA PHE A 214 -17.87 17.87 1.97
C PHE A 214 -18.66 17.03 2.96
N ALA A 215 -19.75 16.41 2.49
CA ALA A 215 -20.52 15.48 3.30
C ALA A 215 -20.54 14.13 2.61
N SER A 216 -20.33 13.07 3.38
CA SER A 216 -20.38 11.72 2.83
C SER A 216 -21.16 10.78 3.73
N LEU A 217 -22.03 9.98 3.12
CA LEU A 217 -22.74 8.87 3.76
C LEU A 217 -22.09 7.61 3.21
N HIS A 218 -21.75 6.65 4.06
CA HIS A 218 -20.94 5.54 3.56
C HIS A 218 -20.89 4.40 4.55
N GLY A 219 -20.51 3.24 4.05
CA GLY A 219 -20.17 2.12 4.91
C GLY A 219 -19.06 2.52 5.87
N ASP A 220 -19.22 2.11 7.12
N ASP A 220 -19.23 2.17 7.13
CA ASP A 220 -18.26 2.42 8.19
CA ASP A 220 -18.27 2.62 8.15
C ASP A 220 -16.83 2.01 7.78
C ASP A 220 -16.88 2.06 7.87
N PRO A 221 -15.87 2.93 7.91
CA PRO A 221 -14.52 2.52 7.46
C PRO A 221 -13.89 1.44 8.34
N ALA A 222 -14.38 1.24 9.54
CA ALA A 222 -13.89 0.09 10.30
C ALA A 222 -14.12 -1.25 9.58
N GLU A 223 -15.11 -1.33 8.69
N GLU A 223 -15.14 -1.28 8.71
CA GLU A 223 -15.40 -2.58 7.99
CA GLU A 223 -15.55 -2.50 8.04
C GLU A 223 -15.78 -2.38 6.50
C GLU A 223 -15.37 -2.45 6.51
N ALA A 224 -15.41 -1.25 5.94
CA ALA A 224 -15.60 -1.04 4.52
C ALA A 224 -14.49 -0.25 3.86
N PHE A 225 -14.16 -0.61 2.62
CA PHE A 225 -13.26 0.17 1.79
C PHE A 225 -13.79 1.61 1.77
N PRO A 226 -12.92 2.62 1.84
CA PRO A 226 -11.46 2.56 1.76
C PRO A 226 -10.71 2.30 3.06
N HIS A 227 -11.45 2.12 4.16
N HIS A 227 -11.39 2.04 4.16
CA HIS A 227 -10.94 1.70 5.49
CA HIS A 227 -10.73 1.53 5.37
C HIS A 227 -10.17 2.73 6.32
C HIS A 227 -9.96 2.54 6.24
N PHE A 228 -9.49 3.66 5.67
CA PHE A 228 -8.54 4.53 6.39
C PHE A 228 -8.89 5.98 6.41
N LEU A 229 -10.16 6.26 6.15
CA LEU A 229 -10.70 7.61 6.28
C LEU A 229 -12.21 7.45 6.31
N GLY A 230 -12.93 8.46 6.81
CA GLY A 230 -14.39 8.42 6.83
C GLY A 230 -15.02 8.32 8.19
N TYR A 231 -14.23 8.43 9.25
CA TYR A 231 -14.79 8.42 10.61
C TYR A 231 -15.49 9.75 10.90
N ALA A 232 -16.51 9.68 11.76
CA ALA A 232 -17.29 10.88 12.09
C ALA A 232 -16.46 11.98 12.74
N GLU A 233 -15.36 11.60 13.42
CA GLU A 233 -14.55 12.59 14.12
C GLU A 233 -13.80 13.51 13.17
N GLU A 234 -13.71 13.16 11.88
CA GLU A 234 -12.95 13.96 10.91
C GLU A 234 -13.81 15.12 10.43
N THR A 235 -13.55 16.32 10.93
CA THR A 235 -14.43 17.46 10.66
C THR A 235 -13.75 18.59 9.91
N GLY A 236 -12.45 18.45 9.63
CA GLY A 236 -11.71 19.47 8.90
C GLY A 236 -10.54 19.97 9.71
N LYS A 237 -9.71 20.76 9.08
CA LYS A 237 -8.48 21.25 9.68
C LYS A 237 -8.15 22.63 9.11
N GLY A 238 -7.56 23.50 9.92
CA GLY A 238 -7.11 24.79 9.45
C GLY A 238 -8.24 25.60 8.84
N ALA A 239 -8.03 26.12 7.63
CA ALA A 239 -9.06 26.88 6.94
C ALA A 239 -10.36 26.09 6.73
N GLY A 240 -10.25 24.77 6.71
CA GLY A 240 -11.38 23.89 6.49
C GLY A 240 -12.06 23.42 7.75
N ALA A 241 -11.73 23.98 8.91
CA ALA A 241 -12.42 23.58 10.14
C ALA A 241 -13.93 23.59 9.98
N GLY A 242 -14.55 22.49 10.37
CA GLY A 242 -15.99 22.37 10.34
C GLY A 242 -16.63 22.16 8.99
N THR A 243 -15.84 21.79 7.99
CA THR A 243 -16.38 21.63 6.63
C THR A 243 -16.31 20.22 6.07
N THR A 244 -16.05 19.22 6.93
CA THR A 244 -16.23 17.82 6.55
C THR A 244 -17.24 17.20 7.50
N ALA A 245 -18.22 16.51 6.93
CA ALA A 245 -19.25 15.80 7.72
C ALA A 245 -19.40 14.39 7.21
N ASN A 246 -18.89 13.44 7.99
CA ASN A 246 -18.94 12.00 7.65
C ASN A 246 -20.02 11.29 8.43
N TYR A 247 -20.77 10.48 7.71
CA TYR A 247 -21.89 9.71 8.27
C TYR A 247 -21.65 8.22 7.98
N PRO A 248 -20.77 7.58 8.76
CA PRO A 248 -20.53 6.15 8.62
C PRO A 248 -21.73 5.35 9.14
N MET A 249 -22.10 4.31 8.41
CA MET A 249 -23.26 3.49 8.78
C MET A 249 -22.91 2.03 8.55
N GLY A 250 -23.61 1.14 9.25
CA GLY A 250 -23.24 -0.26 9.28
C GLY A 250 -23.96 -1.22 8.36
N ARG A 251 -23.71 -2.51 8.58
CA ARG A 251 -24.21 -3.56 7.72
C ARG A 251 -25.73 -3.56 7.71
N GLY A 252 -26.30 -3.64 6.51
CA GLY A 252 -27.72 -3.81 6.34
C GLY A 252 -28.50 -2.50 6.38
N THR A 253 -27.81 -1.36 6.42
CA THR A 253 -28.52 -0.09 6.58
C THR A 253 -29.56 0.11 5.48
N PRO A 254 -30.84 0.32 5.86
CA PRO A 254 -31.88 0.57 4.87
C PRO A 254 -32.17 2.06 4.73
N TYR A 255 -33.08 2.43 3.81
CA TYR A 255 -33.33 3.85 3.59
C TYR A 255 -33.89 4.55 4.82
N SER A 256 -34.66 3.86 5.65
CA SER A 256 -35.22 4.51 6.81
C SER A 256 -34.14 5.10 7.73
N VAL A 257 -32.97 4.46 7.79
CA VAL A 257 -31.86 4.98 8.55
C VAL A 257 -30.95 5.89 7.70
N TRP A 258 -30.64 5.45 6.48
CA TRP A 258 -29.76 6.21 5.59
C TRP A 258 -30.35 7.58 5.31
N GLY A 259 -31.67 7.65 5.09
CA GLY A 259 -32.32 8.93 4.81
C GLY A 259 -32.24 9.91 5.97
N GLU A 260 -32.14 9.41 7.20
CA GLU A 260 -31.95 10.32 8.33
C GLU A 260 -30.60 11.00 8.23
N ALA A 261 -29.56 10.26 7.84
CA ALA A 261 -28.26 10.88 7.65
C ALA A 261 -28.32 11.87 6.49
N LEU A 262 -29.07 11.53 5.43
CA LEU A 262 -29.20 12.44 4.30
C LEU A 262 -29.80 13.79 4.75
N THR A 263 -30.88 13.72 5.54
CA THR A 263 -31.52 14.93 6.06
C THR A 263 -30.52 15.76 6.84
N ASP A 264 -29.72 15.11 7.69
CA ASP A 264 -28.80 15.87 8.50
C ASP A 264 -27.72 16.50 7.64
N SER A 265 -27.21 15.75 6.66
CA SER A 265 -26.19 16.29 5.77
C SER A 265 -26.69 17.51 5.04
N LEU A 266 -27.95 17.50 4.62
CA LEU A 266 -28.51 18.64 3.89
C LEU A 266 -28.71 19.86 4.80
N LYS A 267 -29.04 19.61 6.06
N LYS A 267 -29.01 19.61 6.07
CA LYS A 267 -29.10 20.67 7.06
CA LYS A 267 -29.09 20.68 7.05
C LYS A 267 -27.76 21.40 7.14
C LYS A 267 -27.71 21.32 7.23
N ARG A 268 -26.69 20.62 7.26
N ARG A 268 -26.66 20.50 7.29
CA ARG A 268 -25.36 21.20 7.42
CA ARG A 268 -25.29 21.03 7.40
C ARG A 268 -24.87 21.90 6.15
C ARG A 268 -24.92 21.88 6.18
N ILE A 269 -25.22 21.36 4.98
CA ILE A 269 -24.91 22.05 3.73
C ILE A 269 -25.65 23.39 3.65
N ALA A 270 -26.91 23.40 4.09
CA ALA A 270 -27.68 24.63 4.07
C ALA A 270 -27.08 25.67 5.02
N ALA A 271 -26.65 25.24 6.20
CA ALA A 271 -26.05 26.16 7.17
C ALA A 271 -24.71 26.71 6.67
N PHE A 272 -23.99 25.89 5.91
CA PHE A 272 -22.74 26.32 5.28
C PHE A 272 -23.00 27.40 4.22
N GLY A 273 -24.16 27.35 3.56
CA GLY A 273 -24.50 28.34 2.55
C GLY A 273 -24.02 27.99 1.15
N ALA A 274 -24.00 26.70 0.82
CA ALA A 274 -23.59 26.27 -0.50
C ALA A 274 -24.45 26.93 -1.57
N GLU A 275 -23.79 27.40 -2.63
CA GLU A 275 -24.51 28.02 -3.76
C GLU A 275 -24.96 26.98 -4.77
N ALA A 276 -24.36 25.80 -4.71
CA ALA A 276 -24.74 24.64 -5.53
C ALA A 276 -24.19 23.42 -4.83
N ILE A 277 -24.76 22.27 -5.16
CA ILE A 277 -24.31 21.00 -4.63
C ILE A 277 -23.88 20.08 -5.76
N VAL A 278 -22.62 19.61 -5.70
CA VAL A 278 -22.15 18.56 -6.60
C VAL A 278 -22.44 17.24 -5.89
N VAL A 279 -23.28 16.42 -6.50
CA VAL A 279 -23.64 15.13 -5.91
C VAL A 279 -22.77 14.05 -6.51
N SER A 280 -21.93 13.45 -5.67
CA SER A 280 -21.18 12.26 -6.07
C SER A 280 -22.10 11.06 -5.94
N LEU A 281 -22.70 10.68 -7.07
CA LEU A 281 -23.74 9.66 -7.06
C LEU A 281 -23.17 8.29 -7.39
N GLY A 282 -23.10 7.44 -6.38
CA GLY A 282 -22.94 6.03 -6.64
C GLY A 282 -24.20 5.32 -6.23
N VAL A 283 -24.55 4.27 -6.97
CA VAL A 283 -25.76 3.48 -6.65
C VAL A 283 -25.36 2.11 -6.12
N ASP A 284 -24.13 2.02 -5.61
CA ASP A 284 -23.69 0.81 -4.93
C ASP A 284 -24.25 0.66 -3.52
N THR A 285 -25.12 1.59 -3.13
CA THR A 285 -25.93 1.48 -1.93
C THR A 285 -27.12 0.52 -2.11
N PHE A 286 -27.30 0.01 -3.34
CA PHE A 286 -28.42 -0.86 -3.68
C PHE A 286 -28.32 -2.20 -2.99
N GLU A 287 -29.47 -2.75 -2.62
CA GLU A 287 -29.51 -4.01 -1.89
C GLU A 287 -28.91 -5.19 -2.65
N GLN A 288 -28.81 -5.11 -3.98
CA GLN A 288 -28.14 -6.18 -4.77
C GLN A 288 -26.68 -5.88 -5.14
N ASP A 289 -26.10 -4.80 -4.65
CA ASP A 289 -24.75 -4.46 -5.13
C ASP A 289 -23.74 -5.52 -4.66
N PRO A 290 -22.88 -6.00 -5.57
CA PRO A 290 -22.01 -7.15 -5.24
C PRO A 290 -20.87 -6.87 -4.26
N ILE A 291 -20.50 -5.62 -4.05
CA ILE A 291 -19.37 -5.33 -3.17
C ILE A 291 -19.73 -4.48 -1.93
N SER A 292 -21.02 -4.31 -1.65
CA SER A 292 -21.48 -3.31 -0.67
C SER A 292 -22.58 -3.87 0.25
N PHE A 293 -22.81 -3.23 1.39
CA PHE A 293 -23.68 -3.79 2.41
C PHE A 293 -24.88 -2.93 2.84
N PHE A 294 -25.26 -1.96 2.04
CA PHE A 294 -26.51 -1.23 2.29
C PHE A 294 -27.69 -1.87 1.57
N LYS A 295 -28.89 -1.45 1.94
CA LYS A 295 -30.10 -2.13 1.46
C LYS A 295 -31.12 -1.15 0.88
N LEU A 296 -30.65 -0.22 0.07
CA LEU A 296 -31.59 0.67 -0.62
C LEU A 296 -32.31 -0.09 -1.71
N THR A 297 -33.55 0.30 -1.97
CA THR A 297 -34.35 -0.32 -3.03
C THR A 297 -34.43 0.65 -4.20
N SER A 298 -34.85 0.17 -5.37
CA SER A 298 -34.91 1.07 -6.52
C SER A 298 -35.82 2.30 -6.30
N PRO A 299 -37.01 2.12 -5.70
CA PRO A 299 -37.82 3.32 -5.42
C PRO A 299 -37.14 4.35 -4.52
N ASP A 300 -36.25 3.90 -3.63
CA ASP A 300 -35.57 4.83 -2.71
C ASP A 300 -34.77 5.89 -3.45
N TYR A 301 -34.28 5.55 -4.65
CA TYR A 301 -33.49 6.51 -5.41
C TYR A 301 -34.31 7.72 -5.86
N ILE A 302 -35.59 7.52 -6.11
CA ILE A 302 -36.46 8.65 -6.46
C ILE A 302 -36.58 9.57 -5.25
N THR A 303 -36.84 8.98 -4.08
CA THR A 303 -36.92 9.74 -2.83
C THR A 303 -35.63 10.52 -2.61
N MET A 304 -34.48 9.89 -2.85
CA MET A 304 -33.20 10.51 -2.62
C MET A 304 -33.04 11.76 -3.50
N GLY A 305 -33.30 11.61 -4.79
CA GLY A 305 -33.17 12.73 -5.71
C GLY A 305 -34.10 13.87 -5.37
N ARG A 306 -35.33 13.56 -5.00
N ARG A 306 -35.34 13.56 -5.01
CA ARG A 306 -36.30 14.60 -4.65
CA ARG A 306 -36.29 14.60 -4.63
C ARG A 306 -35.85 15.34 -3.38
C ARG A 306 -35.79 15.35 -3.40
N THR A 307 -35.36 14.60 -2.40
CA THR A 307 -34.90 15.21 -1.15
C THR A 307 -33.68 16.12 -1.38
N ILE A 308 -32.71 15.66 -2.17
CA ILE A 308 -31.54 16.49 -2.41
C ILE A 308 -31.90 17.77 -3.20
N ALA A 309 -32.80 17.63 -4.17
CA ALA A 309 -33.22 18.77 -4.99
C ALA A 309 -34.12 19.76 -4.24
N ALA A 310 -34.75 19.33 -3.15
N ALA A 310 -34.77 19.32 -3.17
CA ALA A 310 -35.55 20.21 -2.30
CA ALA A 310 -35.86 20.10 -2.53
C ALA A 310 -34.70 21.19 -1.51
C ALA A 310 -35.56 21.54 -2.10
N SER A 311 -33.38 21.03 -1.57
N SER A 311 -34.33 21.81 -1.68
CA SER A 311 -32.43 22.02 -1.06
CA SER A 311 -33.95 23.13 -1.19
C SER A 311 -32.71 23.37 -1.70
C SER A 311 -33.99 24.12 -2.33
N GLY A 312 -33.21 23.33 -2.93
N GLY A 312 -33.77 23.61 -3.52
CA GLY A 312 -33.57 24.55 -3.64
CA GLY A 312 -33.75 24.46 -4.69
C GLY A 312 -32.37 25.26 -4.28
C GLY A 312 -32.35 24.91 -5.10
N VAL A 313 -31.28 24.54 -4.39
CA VAL A 313 -30.01 25.01 -4.93
C VAL A 313 -29.66 24.11 -6.09
N PRO A 314 -28.94 24.66 -7.08
CA PRO A 314 -28.63 23.84 -8.25
C PRO A 314 -27.79 22.60 -7.94
N LEU A 315 -28.06 21.53 -8.68
CA LEU A 315 -27.34 20.27 -8.51
C LEU A 315 -26.59 19.89 -9.76
N LEU A 316 -25.33 19.50 -9.59
CA LEU A 316 -24.65 18.72 -10.61
C LEU A 316 -24.53 17.29 -10.10
N VAL A 317 -25.14 16.35 -10.80
CA VAL A 317 -25.01 14.94 -10.45
C VAL A 317 -23.82 14.35 -11.21
N VAL A 318 -22.85 13.79 -10.48
CA VAL A 318 -21.63 13.25 -11.04
C VAL A 318 -21.57 11.76 -10.74
N MET A 319 -21.48 10.96 -11.77
CA MET A 319 -21.52 9.51 -11.61
C MET A 319 -20.26 8.97 -10.93
N GLU A 320 -20.49 8.09 -9.95
CA GLU A 320 -19.44 7.37 -9.23
C GLU A 320 -19.64 5.86 -9.43
N GLY A 321 -19.87 5.10 -8.35
CA GLY A 321 -19.95 3.64 -8.43
C GLY A 321 -21.35 3.06 -8.56
N GLY A 322 -21.45 1.74 -8.36
CA GLY A 322 -22.66 0.95 -8.63
C GLY A 322 -22.31 -0.13 -9.65
N TYR A 323 -22.50 -1.39 -9.27
CA TYR A 323 -21.87 -2.54 -9.97
C TYR A 323 -22.81 -3.70 -10.27
N GLY A 324 -22.36 -4.55 -11.17
CA GLY A 324 -22.85 -5.93 -11.25
C GLY A 324 -24.07 -6.19 -12.11
N VAL A 325 -25.10 -5.38 -11.93
CA VAL A 325 -26.38 -5.65 -12.59
C VAL A 325 -26.88 -4.46 -13.39
N PRO A 326 -27.64 -4.71 -14.48
CA PRO A 326 -28.10 -3.58 -15.30
C PRO A 326 -29.02 -2.62 -14.54
N GLU A 327 -29.58 -3.04 -13.41
CA GLU A 327 -30.40 -2.15 -12.58
C GLU A 327 -29.66 -0.94 -12.03
N ILE A 328 -28.33 -0.93 -12.13
CA ILE A 328 -27.62 0.31 -11.80
C ILE A 328 -28.16 1.46 -12.63
N GLY A 329 -28.59 1.17 -13.86
CA GLY A 329 -29.13 2.21 -14.72
C GLY A 329 -30.46 2.74 -14.20
N LEU A 330 -31.38 1.83 -13.88
CA LEU A 330 -32.67 2.21 -13.28
C LEU A 330 -32.44 3.05 -12.06
N ASN A 331 -31.46 2.66 -11.24
CA ASN A 331 -31.25 3.37 -9.98
C ASN A 331 -30.75 4.79 -10.20
N VAL A 332 -29.79 4.96 -11.11
CA VAL A 332 -29.35 6.29 -11.49
C VAL A 332 -30.50 7.10 -12.09
N ALA A 333 -31.22 6.52 -13.03
CA ALA A 333 -32.34 7.22 -13.67
C ALA A 333 -33.37 7.65 -12.61
N ASN A 334 -33.59 6.83 -11.59
CA ASN A 334 -34.53 7.18 -10.54
C ASN A 334 -34.08 8.39 -9.73
N VAL A 335 -32.78 8.54 -9.49
CA VAL A 335 -32.30 9.76 -8.83
C VAL A 335 -32.66 10.96 -9.70
N LEU A 336 -32.40 10.83 -11.00
CA LEU A 336 -32.69 11.94 -11.92
C LEU A 336 -34.18 12.24 -11.97
N LYS A 337 -35.04 11.22 -11.92
CA LYS A 337 -36.50 11.44 -11.84
C LYS A 337 -36.87 12.22 -10.59
N GLY A 338 -36.23 11.91 -9.46
CA GLY A 338 -36.52 12.64 -8.25
C GLY A 338 -36.06 14.09 -8.34
N VAL A 339 -34.90 14.32 -8.97
CA VAL A 339 -34.41 15.69 -9.15
C VAL A 339 -35.33 16.49 -10.06
N ALA A 340 -35.78 15.86 -11.15
CA ALA A 340 -36.51 16.57 -12.19
C ALA A 340 -38.02 16.70 -11.95
N GLY A 341 -38.55 15.92 -11.01
CA GLY A 341 -39.98 15.81 -10.78
C GLY A 341 -40.61 16.98 -10.05
N MET B 1 31.27 -23.87 14.11
N MET B 1 31.27 -23.56 13.19
CA MET B 1 30.14 -22.97 13.86
CA MET B 1 30.15 -22.98 13.91
C MET B 1 28.83 -23.71 13.62
C MET B 1 28.94 -23.89 13.78
N ARG B 2 27.93 -23.60 14.58
CA ARG B 2 26.68 -24.32 14.49
C ARG B 2 25.78 -23.64 13.46
N VAL B 3 25.00 -24.46 12.77
CA VAL B 3 24.00 -24.01 11.81
C VAL B 3 22.66 -24.39 12.42
N ILE B 4 21.82 -23.40 12.71
N ILE B 4 21.80 -23.41 12.66
CA ILE B 4 20.48 -23.64 13.26
CA ILE B 4 20.49 -23.64 13.26
C ILE B 4 19.46 -23.55 12.13
C ILE B 4 19.44 -23.53 12.17
N PHE B 5 18.66 -24.60 11.98
CA PHE B 5 17.75 -24.67 10.85
C PHE B 5 16.55 -25.52 11.18
N SER B 6 15.37 -25.00 10.89
CA SER B 6 14.12 -25.73 11.11
C SER B 6 13.51 -26.19 9.79
N GLU B 7 13.15 -27.47 9.71
CA GLU B 7 12.41 -27.97 8.56
C GLU B 7 11.02 -27.35 8.47
N ASP B 8 10.57 -26.70 9.54
CA ASP B 8 9.25 -26.06 9.53
C ASP B 8 9.21 -24.80 8.66
N HIS B 9 10.35 -24.38 8.09
CA HIS B 9 10.31 -23.31 7.10
C HIS B 9 9.34 -23.68 5.98
N LYS B 10 9.21 -24.98 5.71
CA LYS B 10 8.45 -25.46 4.57
C LYS B 10 6.96 -25.20 4.73
N LEU B 11 6.52 -24.90 5.96
CA LEU B 11 5.13 -24.53 6.20
C LEU B 11 4.78 -23.24 5.48
N ARG B 12 5.77 -22.40 5.19
CA ARG B 12 5.57 -21.26 4.28
C ARG B 12 5.87 -21.75 2.87
N ASN B 13 4.83 -22.04 2.11
CA ASN B 13 4.96 -22.52 0.74
C ASN B 13 3.84 -21.87 -0.04
N ALA B 14 3.88 -20.56 -0.07
CA ALA B 14 2.85 -19.76 -0.73
C ALA B 14 2.78 -20.05 -2.23
N LYS B 15 1.58 -19.99 -2.76
CA LYS B 15 1.36 -20.27 -4.18
C LYS B 15 1.68 -19.08 -5.07
N THR B 16 1.46 -17.87 -4.53
CA THR B 16 1.47 -16.65 -5.32
C THR B 16 2.22 -15.49 -4.72
N GLU B 17 2.72 -14.67 -5.63
CA GLU B 17 3.35 -13.38 -5.35
C GLU B 17 2.89 -12.42 -6.44
N LEU B 18 2.51 -11.19 -6.06
CA LEU B 18 2.13 -10.17 -7.04
C LEU B 18 3.39 -9.49 -7.55
N TYR B 19 3.74 -9.77 -8.81
CA TYR B 19 4.97 -9.29 -9.42
C TYR B 19 4.68 -8.89 -10.87
N GLY B 20 4.99 -7.66 -11.24
CA GLY B 20 4.73 -7.21 -12.60
C GLY B 20 3.28 -7.27 -13.02
N GLY B 21 2.36 -7.06 -12.07
CA GLY B 21 0.95 -7.12 -12.37
C GLY B 21 0.38 -8.51 -12.58
N GLU B 22 1.14 -9.54 -12.21
CA GLU B 22 0.70 -10.91 -12.36
C GLU B 22 0.86 -11.62 -11.05
N LEU B 23 0.10 -12.69 -10.86
CA LEU B 23 0.29 -13.56 -9.69
C LEU B 23 1.12 -14.75 -10.13
N VAL B 24 2.36 -14.80 -9.66
CA VAL B 24 3.35 -15.76 -10.13
C VAL B 24 3.85 -16.57 -8.95
N PRO B 25 4.51 -17.70 -9.21
CA PRO B 25 5.11 -18.41 -8.06
C PRO B 25 6.16 -17.51 -7.36
N PRO B 26 6.25 -17.58 -6.02
N PRO B 26 6.20 -17.54 -6.02
CA PRO B 26 7.10 -16.62 -5.29
CA PRO B 26 7.10 -16.64 -5.29
C PRO B 26 8.59 -16.85 -5.45
C PRO B 26 8.59 -16.85 -5.55
N PHE B 27 9.33 -15.76 -5.48
CA PHE B 27 10.79 -15.84 -5.48
C PHE B 27 11.28 -16.48 -4.17
N GLU B 28 10.58 -16.21 -3.07
CA GLU B 28 11.02 -16.68 -1.76
C GLU B 28 10.33 -18.01 -1.45
N ALA B 29 10.90 -19.08 -1.96
CA ALA B 29 10.27 -20.39 -1.93
C ALA B 29 11.16 -21.41 -1.25
N PRO B 30 10.58 -22.55 -0.82
CA PRO B 30 11.35 -23.52 -0.02
C PRO B 30 12.66 -24.01 -0.64
N PHE B 31 12.75 -24.08 -1.97
CA PHE B 31 13.99 -24.51 -2.58
C PHE B 31 15.19 -23.65 -2.13
N ARG B 32 14.97 -22.38 -1.77
CA ARG B 32 16.09 -21.55 -1.29
C ARG B 32 16.78 -22.16 -0.08
N ALA B 33 15.97 -22.60 0.89
CA ALA B 33 16.55 -23.21 2.08
C ALA B 33 17.25 -24.52 1.73
N GLU B 34 16.66 -25.30 0.84
CA GLU B 34 17.29 -26.55 0.42
C GLU B 34 18.68 -26.27 -0.18
N TRP B 35 18.77 -25.31 -1.07
CA TRP B 35 20.05 -25.00 -1.75
C TRP B 35 21.08 -24.46 -0.77
N ILE B 36 20.65 -23.60 0.15
CA ILE B 36 21.59 -22.99 1.08
C ILE B 36 22.08 -24.06 2.05
N LEU B 37 21.17 -24.88 2.56
CA LEU B 37 21.59 -25.93 3.50
C LEU B 37 22.59 -26.89 2.86
N ALA B 38 22.32 -27.32 1.63
CA ALA B 38 23.22 -28.23 0.96
C ALA B 38 24.60 -27.61 0.76
N ALA B 39 24.65 -26.33 0.42
CA ALA B 39 25.93 -25.70 0.16
C ALA B 39 26.74 -25.48 1.42
N VAL B 40 26.09 -25.12 2.52
CA VAL B 40 26.85 -24.94 3.76
C VAL B 40 27.40 -26.27 4.25
N LYS B 41 26.63 -27.33 4.12
CA LYS B 41 27.13 -28.67 4.47
C LYS B 41 28.32 -29.04 3.59
N GLU B 42 28.21 -28.79 2.28
CA GLU B 42 29.28 -29.12 1.36
C GLU B 42 30.58 -28.40 1.71
N ALA B 43 30.47 -27.19 2.25
CA ALA B 43 31.62 -26.39 2.64
C ALA B 43 32.16 -26.77 4.02
N GLY B 44 31.57 -27.79 4.62
CA GLY B 44 32.09 -28.33 5.87
C GLY B 44 31.34 -27.85 7.12
N PHE B 45 30.31 -27.03 6.94
CA PHE B 45 29.51 -26.56 8.06
C PHE B 45 28.34 -27.51 8.25
N ASP B 46 28.63 -28.69 8.78
CA ASP B 46 27.61 -29.72 8.90
C ASP B 46 27.12 -29.94 10.32
N ASP B 47 27.46 -29.06 11.24
CA ASP B 47 26.91 -29.16 12.59
C ASP B 47 25.54 -28.46 12.60
N VAL B 48 24.56 -29.14 12.02
CA VAL B 48 23.22 -28.59 11.80
C VAL B 48 22.30 -29.09 12.89
N VAL B 49 21.61 -28.18 13.54
N VAL B 49 21.59 -28.17 13.52
CA VAL B 49 20.64 -28.58 14.54
CA VAL B 49 20.71 -28.48 14.65
C VAL B 49 19.35 -27.81 14.37
C VAL B 49 19.38 -27.73 14.54
N ALA B 50 18.28 -28.42 14.84
CA ALA B 50 16.98 -27.77 14.84
C ALA B 50 16.91 -26.83 16.04
N PRO B 51 16.18 -25.72 15.90
CA PRO B 51 16.00 -24.86 17.08
C PRO B 51 15.02 -25.49 18.07
N ALA B 52 15.23 -25.17 19.34
CA ALA B 52 14.17 -25.38 20.32
C ALA B 52 13.04 -24.42 20.01
N ARG B 53 11.81 -24.78 20.36
N ARG B 53 11.81 -24.77 20.35
CA ARG B 53 10.70 -23.87 20.17
CA ARG B 53 10.72 -23.84 20.15
C ARG B 53 10.76 -22.74 21.21
C ARG B 53 10.81 -22.71 21.19
N HIS B 54 10.23 -21.58 20.83
CA HIS B 54 10.15 -20.43 21.73
C HIS B 54 8.81 -19.80 21.70
N GLY B 55 8.41 -19.26 22.84
CA GLY B 55 7.22 -18.45 22.89
C GLY B 55 7.49 -17.02 22.49
N LEU B 56 6.69 -16.11 22.99
CA LEU B 56 6.67 -14.75 22.48
C LEU B 56 7.39 -13.72 23.33
N GLU B 57 8.06 -14.16 24.40
N GLU B 57 8.05 -14.17 24.40
CA GLU B 57 8.64 -13.20 25.33
CA GLU B 57 8.69 -13.26 25.35
C GLU B 57 9.62 -12.23 24.65
C GLU B 57 9.62 -12.26 24.67
N THR B 58 10.52 -12.77 23.84
CA THR B 58 11.51 -11.91 23.21
C THR B 58 10.89 -11.05 22.11
N VAL B 59 10.09 -11.68 21.26
CA VAL B 59 9.56 -10.99 20.10
C VAL B 59 8.60 -9.86 20.48
N LEU B 60 7.91 -9.96 21.63
CA LEU B 60 7.02 -8.90 22.04
C LEU B 60 7.77 -7.59 22.36
N LYS B 61 9.08 -7.67 22.52
CA LYS B 61 9.89 -6.48 22.82
C LYS B 61 10.31 -5.75 21.53
N VAL B 62 10.09 -6.37 20.37
CA VAL B 62 10.41 -5.70 19.09
C VAL B 62 9.19 -5.54 18.16
N HIS B 63 8.19 -6.42 18.29
CA HIS B 63 6.97 -6.25 17.50
C HIS B 63 5.78 -5.91 18.38
N ASP B 64 4.87 -5.15 17.80
CA ASP B 64 3.61 -4.82 18.43
C ASP B 64 2.73 -6.05 18.66
N ALA B 65 2.06 -6.11 19.81
CA ALA B 65 1.25 -7.26 20.14
C ALA B 65 0.05 -7.43 19.22
N GLY B 66 -0.58 -6.33 18.86
CA GLY B 66 -1.70 -6.38 17.92
C GLY B 66 -1.29 -6.95 16.59
N TYR B 67 -0.10 -6.55 16.12
CA TYR B 67 0.46 -7.08 14.88
C TYR B 67 0.65 -8.60 14.97
N LEU B 68 1.24 -9.07 16.06
CA LEU B 68 1.48 -10.52 16.16
C LEU B 68 0.15 -11.28 16.25
N ASN B 69 -0.82 -10.69 16.95
CA ASN B 69 -2.14 -11.33 17.03
C ASN B 69 -2.79 -11.39 15.66
N PHE B 70 -2.60 -10.32 14.88
CA PHE B 70 -3.10 -10.32 13.53
C PHE B 70 -2.47 -11.44 12.70
N LEU B 71 -1.16 -11.61 12.78
CA LEU B 71 -0.51 -12.65 11.95
C LEU B 71 -1.00 -14.04 12.33
N GLU B 72 -1.26 -14.24 13.61
CA GLU B 72 -1.67 -15.55 14.10
C GLU B 72 -2.99 -16.02 13.51
N THR B 73 -3.91 -15.10 13.25
CA THR B 73 -5.23 -15.50 12.77
C THR B 73 -5.54 -15.01 11.36
N ALA B 74 -4.59 -14.35 10.69
CA ALA B 74 -4.88 -13.73 9.41
C ALA B 74 -5.41 -14.71 8.36
N TRP B 75 -4.73 -15.84 8.22
CA TRP B 75 -5.17 -16.82 7.25
C TRP B 75 -6.56 -17.34 7.54
N ASP B 76 -6.81 -17.72 8.78
CA ASP B 76 -8.11 -18.24 9.17
C ASP B 76 -9.21 -17.23 8.86
N ARG B 77 -8.97 -15.96 9.17
CA ARG B 77 -9.97 -14.94 8.94
C ARG B 77 -10.20 -14.67 7.47
N TRP B 78 -9.12 -14.68 6.69
CA TRP B 78 -9.24 -14.47 5.26
C TRP B 78 -10.10 -15.55 4.63
N LYS B 79 -9.79 -16.80 4.96
CA LYS B 79 -10.53 -17.95 4.43
C LYS B 79 -12.01 -17.89 4.86
N ALA B 80 -12.26 -17.46 6.10
CA ALA B 80 -13.62 -17.40 6.62
C ALA B 80 -14.45 -16.30 5.94
N ALA B 81 -13.77 -15.29 5.41
CA ALA B 81 -14.43 -14.20 4.71
C ALA B 81 -14.84 -14.62 3.29
N GLY B 82 -14.42 -15.80 2.88
CA GLY B 82 -14.83 -16.39 1.62
C GLY B 82 -13.95 -16.08 0.41
N TYR B 83 -12.81 -15.43 0.65
CA TYR B 83 -11.90 -15.12 -0.45
C TYR B 83 -11.25 -16.37 -1.01
N LYS B 84 -11.04 -16.38 -2.32
CA LYS B 84 -10.59 -17.59 -3.01
C LYS B 84 -9.08 -17.70 -3.22
N GLY B 85 -8.39 -16.56 -3.28
CA GLY B 85 -6.95 -16.56 -3.42
C GLY B 85 -6.26 -16.50 -2.07
N GLU B 86 -4.96 -16.32 -2.09
CA GLU B 86 -4.22 -16.14 -0.85
C GLU B 86 -4.46 -14.73 -0.32
N ALA B 87 -4.01 -14.47 0.89
CA ALA B 87 -4.37 -13.21 1.58
C ALA B 87 -3.40 -12.11 1.17
N ILE B 88 -3.92 -11.18 0.36
CA ILE B 88 -3.11 -10.10 -0.22
C ILE B 88 -3.81 -8.78 0.07
N ALA B 89 -3.07 -7.88 0.67
CA ALA B 89 -3.57 -6.53 0.98
C ALA B 89 -3.80 -5.67 -0.26
N THR B 90 -4.81 -4.83 -0.16
N THR B 90 -4.82 -4.83 -0.22
CA THR B 90 -5.19 -3.92 -1.25
CA THR B 90 -5.09 -3.95 -1.35
C THR B 90 -5.14 -2.44 -0.82
C THR B 90 -5.48 -2.53 -0.99
N SER B 91 -5.91 -2.09 0.19
N SER B 91 -5.58 -2.21 0.30
CA SER B 91 -5.96 -0.71 0.67
CA SER B 91 -5.82 -0.85 0.77
C SER B 91 -4.92 -0.49 1.79
C SER B 91 -4.77 -0.55 1.80
N PHE B 92 -4.22 0.65 1.76
CA PHE B 92 -3.12 0.96 2.66
C PHE B 92 -3.27 2.30 3.35
N PRO B 93 -2.78 2.41 4.61
CA PRO B 93 -2.83 3.69 5.33
C PRO B 93 -1.65 4.57 4.88
N VAL B 94 -1.88 5.27 3.79
CA VAL B 94 -0.88 6.11 3.14
C VAL B 94 -1.01 7.57 3.62
N ARG B 95 -0.63 8.56 2.81
CA ARG B 95 -0.59 9.94 3.29
C ARG B 95 -1.96 10.40 3.79
N ARG B 96 -1.96 11.10 4.92
CA ARG B 96 -3.14 11.84 5.39
C ARG B 96 -4.32 10.90 5.62
N THR B 97 -4.04 9.73 6.16
CA THR B 97 -5.07 8.79 6.57
C THR B 97 -5.32 8.83 8.06
N SER B 98 -6.47 8.29 8.47
CA SER B 98 -6.75 8.08 9.87
C SER B 98 -5.74 7.08 10.45
N PRO B 99 -5.36 7.23 11.72
CA PRO B 99 -4.50 6.25 12.37
C PRO B 99 -5.27 5.05 12.94
N ARG B 100 -6.59 5.06 12.80
CA ARG B 100 -7.41 4.00 13.39
C ARG B 100 -7.20 2.63 12.73
N ILE B 101 -7.38 1.61 13.56
CA ILE B 101 -7.23 0.23 13.11
C ILE B 101 -8.59 -0.30 12.72
N PRO B 102 -8.73 -0.77 11.46
CA PRO B 102 -10.00 -1.39 11.06
C PRO B 102 -10.31 -2.64 11.87
N THR B 103 -11.53 -3.12 11.81
CA THR B 103 -11.87 -4.36 12.51
C THR B 103 -11.91 -5.59 11.61
N ASP B 104 -12.18 -5.41 10.32
N ASP B 104 -12.13 -5.38 10.31
CA ASP B 104 -12.35 -6.58 9.46
CA ASP B 104 -12.33 -6.48 9.39
C ASP B 104 -11.03 -6.99 8.83
C ASP B 104 -11.00 -7.02 8.89
N ILE B 105 -11.03 -8.18 8.24
CA ILE B 105 -9.78 -8.74 7.71
C ILE B 105 -9.17 -7.93 6.56
N GLU B 106 -10.05 -7.42 5.69
N GLU B 106 -9.99 -7.42 5.64
CA GLU B 106 -9.66 -6.64 4.53
CA GLU B 106 -9.42 -6.66 4.52
C GLU B 106 -8.92 -5.37 4.95
C GLU B 106 -8.78 -5.37 5.04
N GLY B 107 -9.49 -4.67 5.92
CA GLY B 107 -8.87 -3.48 6.49
C GLY B 107 -7.61 -3.77 7.29
N GLN B 108 -7.67 -4.81 8.11
CA GLN B 108 -6.52 -5.12 8.94
C GLN B 108 -5.32 -5.59 8.15
N ILE B 109 -5.54 -6.40 7.10
CA ILE B 109 -4.37 -6.87 6.36
C ILE B 109 -3.62 -5.68 5.73
N GLY B 110 -4.37 -4.67 5.26
CA GLY B 110 -3.69 -3.48 4.78
C GLY B 110 -3.05 -2.65 5.89
N TYR B 111 -3.77 -2.52 7.01
CA TYR B 111 -3.20 -1.77 8.12
C TYR B 111 -1.82 -2.31 8.52
N TYR B 112 -1.70 -3.62 8.51
CA TYR B 112 -0.48 -4.29 8.99
C TYR B 112 0.50 -4.66 7.88
N CYS B 113 0.34 -4.08 6.69
CA CYS B 113 1.20 -4.43 5.55
C CYS B 113 1.92 -3.23 4.96
N ASN B 114 3.18 -3.41 4.58
CA ASN B 114 3.92 -2.36 3.88
C ASN B 114 4.18 -2.66 2.40
N ALA B 115 3.79 -3.85 1.94
CA ALA B 115 4.14 -4.26 0.59
C ALA B 115 3.26 -5.43 0.16
N ALA B 116 2.49 -5.21 -0.91
CA ALA B 116 1.43 -6.12 -1.31
C ALA B 116 1.88 -7.31 -2.13
N GLU B 117 3.15 -7.38 -2.50
CA GLU B 117 3.60 -8.55 -3.22
C GLU B 117 3.56 -9.82 -2.39
N THR B 118 3.56 -9.64 -1.06
CA THR B 118 3.67 -10.75 -0.10
C THR B 118 2.29 -11.22 0.31
N ALA B 119 1.97 -12.46 -0.03
CA ALA B 119 0.69 -13.07 0.34
C ALA B 119 0.85 -13.83 1.62
N ILE B 120 -0.16 -13.78 2.48
CA ILE B 120 -0.21 -14.68 3.63
C ILE B 120 -0.94 -15.97 3.22
N SER B 121 -0.33 -17.10 3.56
CA SER B 121 -0.81 -18.41 3.16
C SER B 121 -0.90 -19.32 4.39
N PRO B 122 -1.62 -20.42 4.28
CA PRO B 122 -1.68 -21.33 5.43
C PRO B 122 -0.29 -21.84 5.78
N GLY B 123 0.03 -21.83 7.06
CA GLY B 123 1.35 -22.25 7.48
C GLY B 123 2.33 -21.10 7.64
N THR B 124 2.01 -19.92 7.14
CA THR B 124 2.92 -18.78 7.23
C THR B 124 3.31 -18.41 8.65
N TRP B 125 2.32 -18.31 9.54
CA TRP B 125 2.60 -17.97 10.94
C TRP B 125 3.50 -19.01 11.60
N GLU B 126 3.16 -20.28 11.42
N GLU B 126 3.17 -20.29 11.44
CA GLU B 126 3.94 -21.36 12.00
CA GLU B 126 4.00 -21.33 12.04
C GLU B 126 5.38 -21.36 11.46
C GLU B 126 5.42 -21.30 11.48
N ALA B 127 5.54 -21.11 10.17
CA ALA B 127 6.87 -21.04 9.58
C ALA B 127 7.65 -19.86 10.15
N ALA B 128 6.99 -18.72 10.27
CA ALA B 128 7.63 -17.52 10.78
C ALA B 128 8.09 -17.73 12.23
N LEU B 129 7.30 -18.44 13.03
CA LEU B 129 7.72 -18.74 14.39
C LEU B 129 8.93 -19.68 14.44
N SER B 130 9.00 -20.61 13.50
CA SER B 130 10.16 -21.53 13.45
C SER B 130 11.42 -20.77 13.04
N SER B 131 11.26 -19.83 12.13
CA SER B 131 12.38 -19.03 11.66
C SER B 131 12.89 -18.11 12.78
N MET B 132 11.97 -17.52 13.52
CA MET B 132 12.30 -16.75 14.69
C MET B 132 13.07 -17.63 15.71
N ALA B 133 12.60 -18.86 15.90
CA ALA B 133 13.25 -19.77 16.84
C ALA B 133 14.70 -20.04 16.42
N SER B 134 14.95 -20.20 15.12
CA SER B 134 16.33 -20.39 14.67
C SER B 134 17.20 -19.19 15.02
N ALA B 135 16.66 -17.99 14.88
CA ALA B 135 17.39 -16.77 15.22
C ALA B 135 17.64 -16.71 16.73
N ILE B 136 16.63 -17.07 17.52
CA ILE B 136 16.80 -17.05 18.97
C ILE B 136 17.86 -18.03 19.44
N ASP B 137 17.82 -19.26 18.93
CA ASP B 137 18.85 -20.23 19.32
C ASP B 137 20.25 -19.82 18.88
N GLY B 138 20.37 -19.19 17.70
CA GLY B 138 21.64 -18.64 17.26
C GLY B 138 22.13 -17.59 18.23
N ALA B 139 21.25 -16.67 18.62
CA ALA B 139 21.59 -15.63 19.59
C ALA B 139 22.05 -16.25 20.88
N ASP B 140 21.36 -17.30 21.32
CA ASP B 140 21.72 -17.94 22.58
C ASP B 140 23.13 -18.53 22.54
N LEU B 141 23.56 -19.02 21.37
CA LEU B 141 24.93 -19.55 21.25
C LEU B 141 25.94 -18.41 21.40
N ILE B 142 25.67 -17.27 20.79
CA ILE B 142 26.55 -16.13 20.94
C ILE B 142 26.58 -15.67 22.39
N ALA B 143 25.42 -15.60 23.03
CA ALA B 143 25.36 -15.19 24.44
C ALA B 143 26.12 -16.16 25.33
N ALA B 144 26.20 -17.43 24.93
CA ALA B 144 26.90 -18.46 25.70
C ALA B 144 28.40 -18.50 25.42
N GLY B 145 28.87 -17.66 24.51
CA GLY B 145 30.29 -17.49 24.32
C GLY B 145 30.85 -17.86 22.96
N HIS B 146 30.03 -18.38 22.06
CA HIS B 146 30.53 -18.73 20.74
C HIS B 146 30.78 -17.45 19.94
N LYS B 147 31.83 -17.46 19.13
CA LYS B 147 32.14 -16.29 18.33
C LYS B 147 31.44 -16.20 16.96
N ALA B 148 30.81 -17.28 16.54
CA ALA B 148 30.07 -17.33 15.29
C ALA B 148 28.98 -18.39 15.38
N ALA B 149 27.88 -18.12 14.69
CA ALA B 149 26.83 -19.09 14.49
C ALA B 149 26.04 -18.65 13.26
N PHE B 150 25.35 -19.58 12.63
CA PHE B 150 24.53 -19.26 11.46
C PHE B 150 23.09 -19.73 11.67
N SER B 151 22.16 -18.80 11.66
CA SER B 151 20.73 -19.11 11.74
C SER B 151 20.17 -19.09 10.32
N LEU B 152 19.85 -20.27 9.82
CA LEU B 152 19.32 -20.41 8.46
C LEU B 152 17.82 -20.12 8.51
N CYS B 153 17.49 -18.85 8.62
CA CYS B 153 16.12 -18.38 8.72
C CYS B 153 15.42 -18.40 7.38
N ARG B 154 14.19 -18.91 7.38
CA ARG B 154 13.26 -18.78 6.27
C ARG B 154 11.88 -19.00 6.88
N PRO B 155 10.93 -18.08 6.71
CA PRO B 155 11.04 -16.84 5.91
C PRO B 155 12.02 -15.83 6.50
N PRO B 156 12.48 -14.90 5.66
CA PRO B 156 13.38 -13.85 6.08
C PRO B 156 12.63 -12.83 6.93
N GLY B 157 13.36 -11.81 7.40
CA GLY B 157 12.80 -10.95 8.43
C GLY B 157 12.94 -9.44 8.27
N HIS B 158 13.90 -8.93 7.51
CA HIS B 158 14.30 -7.53 7.71
C HIS B 158 13.34 -6.45 7.17
N HIS B 159 12.32 -6.83 6.40
CA HIS B 159 11.29 -5.88 5.96
C HIS B 159 10.14 -5.80 6.95
N ALA B 160 10.11 -6.69 7.94
CA ALA B 160 9.04 -6.65 8.95
C ALA B 160 9.38 -5.58 9.99
N GLY B 161 8.51 -4.58 10.11
CA GLY B 161 8.71 -3.47 11.04
C GLY B 161 7.95 -3.70 12.32
N ILE B 162 7.83 -2.66 13.14
CA ILE B 162 7.21 -2.84 14.45
C ILE B 162 5.83 -3.52 14.30
N ASP B 163 5.05 -3.03 13.34
CA ASP B 163 3.69 -3.54 13.14
C ASP B 163 3.33 -3.68 11.67
N MET B 164 4.26 -4.15 10.84
N MET B 164 4.30 -4.13 10.87
N MET B 164 4.28 -4.17 10.87
CA MET B 164 3.89 -4.40 9.45
CA MET B 164 4.09 -4.35 9.43
CA MET B 164 4.04 -4.35 9.43
C MET B 164 4.76 -5.48 8.82
C MET B 164 4.77 -5.63 8.95
C MET B 164 4.80 -5.53 8.86
N PHE B 165 4.10 -6.30 8.01
CA PHE B 165 4.75 -7.37 7.23
C PHE B 165 4.89 -6.89 5.79
N GLY B 166 5.80 -7.52 5.04
CA GLY B 166 5.98 -7.22 3.64
C GLY B 166 7.35 -7.67 3.19
N GLY B 167 7.61 -7.60 1.89
CA GLY B 167 8.89 -8.04 1.35
C GLY B 167 9.27 -9.45 1.75
N TYR B 168 8.27 -10.33 1.82
CA TYR B 168 8.49 -11.76 2.12
C TYR B 168 8.75 -12.04 3.60
N CYS B 169 8.59 -11.02 4.45
CA CYS B 169 8.98 -11.07 5.86
C CYS B 169 7.78 -10.86 6.77
N PHE B 170 7.78 -11.53 7.91
CA PHE B 170 6.67 -11.45 8.87
C PHE B 170 7.16 -11.17 10.28
N ILE B 171 8.20 -11.88 10.73
CA ILE B 171 8.80 -11.61 12.03
C ILE B 171 10.24 -11.22 11.74
N ASN B 172 10.70 -10.13 12.36
CA ASN B 172 12.04 -9.65 12.07
C ASN B 172 13.05 -10.45 12.91
N ASN B 173 13.52 -11.53 12.31
CA ASN B 173 14.41 -12.46 12.97
C ASN B 173 15.67 -11.82 13.53
N ALA B 174 16.29 -10.96 12.74
CA ALA B 174 17.49 -10.27 13.21
C ALA B 174 17.19 -9.38 14.39
N ALA B 175 16.07 -8.65 14.35
CA ALA B 175 15.68 -7.82 15.48
C ALA B 175 15.46 -8.66 16.74
N VAL B 176 14.79 -9.80 16.58
CA VAL B 176 14.56 -10.70 17.70
C VAL B 176 15.88 -11.21 18.27
N ALA B 177 16.83 -11.54 17.40
CA ALA B 177 18.14 -12.00 17.86
C ALA B 177 18.86 -10.90 18.63
N ALA B 178 18.81 -9.67 18.11
CA ALA B 178 19.46 -8.57 18.82
C ALA B 178 18.85 -8.40 20.21
N GLN B 179 17.52 -8.41 20.26
CA GLN B 179 16.83 -8.31 21.53
C GLN B 179 17.23 -9.43 22.49
N ARG B 180 17.35 -10.65 21.96
CA ARG B 180 17.72 -11.77 22.79
C ARG B 180 19.10 -11.56 23.40
N LEU B 181 20.03 -11.02 22.60
CA LEU B 181 21.37 -10.75 23.12
C LEU B 181 21.34 -9.70 24.23
N LEU B 182 20.53 -8.66 24.07
CA LEU B 182 20.36 -7.68 25.14
C LEU B 182 19.76 -8.33 26.39
N ASP B 183 18.76 -9.17 26.19
CA ASP B 183 18.09 -9.82 27.32
C ASP B 183 19.05 -10.74 28.08
N LYS B 184 20.01 -11.31 27.36
CA LYS B 184 21.00 -12.19 27.97
C LYS B 184 22.16 -11.43 28.63
N GLY B 185 22.16 -10.10 28.55
CA GLY B 185 23.17 -9.33 29.24
C GLY B 185 23.98 -8.30 28.45
N ALA B 186 23.87 -8.28 27.13
CA ALA B 186 24.55 -7.24 26.36
C ALA B 186 23.89 -5.89 26.60
N LYS B 187 24.66 -4.81 26.53
N LYS B 187 24.67 -4.81 26.53
CA LYS B 187 24.09 -3.47 26.65
CA LYS B 187 24.11 -3.47 26.68
C LYS B 187 23.97 -2.84 25.28
C LYS B 187 24.06 -2.75 25.33
N LYS B 188 24.91 -3.17 24.39
CA LYS B 188 24.99 -2.55 23.08
C LYS B 188 25.20 -3.62 22.01
N ILE B 189 24.34 -3.63 20.99
CA ILE B 189 24.39 -4.64 19.92
C ILE B 189 24.25 -3.92 18.59
N ALA B 190 24.92 -4.40 17.55
CA ALA B 190 24.70 -3.85 16.20
C ALA B 190 24.08 -4.88 15.30
N ILE B 191 23.30 -4.39 14.36
CA ILE B 191 22.81 -5.19 13.24
C ILE B 191 23.39 -4.61 11.97
N LEU B 192 24.08 -5.46 11.20
CA LEU B 192 24.71 -5.08 9.95
C LEU B 192 23.99 -5.80 8.83
N ASP B 193 23.31 -5.03 7.99
CA ASP B 193 22.40 -5.60 6.99
C ASP B 193 23.03 -5.49 5.60
N VAL B 194 23.51 -6.64 5.11
CA VAL B 194 24.22 -6.67 3.83
C VAL B 194 23.39 -7.23 2.68
N ASP B 195 22.14 -7.56 2.95
CA ASP B 195 21.20 -7.90 1.89
C ASP B 195 21.12 -6.72 0.91
N PHE B 196 20.86 -7.01 -0.37
CA PHE B 196 20.71 -5.95 -1.36
C PHE B 196 19.66 -4.91 -0.96
N HIS B 197 18.59 -5.34 -0.31
CA HIS B 197 17.49 -4.43 0.00
C HIS B 197 17.69 -3.78 1.35
N HIS B 198 17.22 -2.55 1.48
CA HIS B 198 17.24 -1.89 2.77
C HIS B 198 16.43 -2.70 3.80
N GLY B 199 16.97 -2.86 5.00
CA GLY B 199 16.22 -3.45 6.11
C GLY B 199 15.31 -2.42 6.78
N ASN B 200 14.28 -2.00 6.06
CA ASN B 200 13.37 -0.98 6.56
C ASN B 200 12.64 -1.41 7.82
N GLY B 201 12.33 -2.69 7.91
CA GLY B 201 11.70 -3.21 9.11
C GLY B 201 12.62 -3.08 10.32
N THR B 202 13.87 -3.50 10.15
CA THR B 202 14.85 -3.42 11.23
C THR B 202 15.08 -1.97 11.62
N GLN B 203 15.19 -1.09 10.62
CA GLN B 203 15.41 0.31 10.91
C GLN B 203 14.26 0.86 11.77
N ASP B 204 13.04 0.53 11.38
CA ASP B 204 11.84 0.96 12.09
C ASP B 204 11.89 0.53 13.56
N ILE B 205 12.21 -0.73 13.79
CA ILE B 205 12.20 -1.27 15.14
C ILE B 205 13.16 -0.54 16.07
N PHE B 206 14.34 -0.18 15.56
CA PHE B 206 15.38 0.37 16.43
C PHE B 206 15.65 1.84 16.21
N TYR B 207 14.80 2.52 15.43
CA TYR B 207 15.10 3.90 15.05
C TYR B 207 15.23 4.84 16.23
N GLU B 208 14.41 4.59 17.27
CA GLU B 208 14.38 5.45 18.46
C GLU B 208 15.01 4.82 19.68
N ARG B 209 15.83 3.80 19.43
CA ARG B 209 16.51 3.04 20.49
C ARG B 209 18.03 3.20 20.42
N GLY B 210 18.64 3.50 21.56
CA GLY B 210 20.08 3.69 21.60
C GLY B 210 20.89 2.47 21.95
N ASP B 211 20.21 1.35 22.25
CA ASP B 211 20.89 0.12 22.62
C ASP B 211 21.29 -0.72 21.42
N VAL B 212 20.76 -0.36 20.25
CA VAL B 212 21.05 -1.09 19.02
C VAL B 212 21.44 -0.10 17.92
N PHE B 213 22.54 -0.40 17.25
CA PHE B 213 23.01 0.34 16.09
C PHE B 213 22.65 -0.43 14.86
N PHE B 214 22.07 0.22 13.86
CA PHE B 214 21.65 -0.46 12.63
C PHE B 214 22.40 0.14 11.45
N ALA B 215 23.14 -0.68 10.70
CA ALA B 215 23.80 -0.25 9.48
C ALA B 215 23.28 -1.08 8.33
N SER B 216 23.01 -0.44 7.20
CA SER B 216 22.51 -1.15 6.01
C SER B 216 23.20 -0.64 4.76
N LEU B 217 23.67 -1.57 3.95
CA LEU B 217 24.17 -1.30 2.59
C LEU B 217 23.10 -1.82 1.65
N HIS B 218 22.73 -1.07 0.64
CA HIS B 218 21.55 -1.47 -0.14
C HIS B 218 21.40 -0.67 -1.41
N GLY B 219 20.60 -1.21 -2.31
CA GLY B 219 20.19 -0.47 -3.49
C GLY B 219 19.47 0.82 -3.06
N ASP B 220 19.81 1.92 -3.74
N ASP B 220 19.82 1.92 -3.70
CA ASP B 220 19.23 3.24 -3.48
CA ASP B 220 19.29 3.23 -3.30
C ASP B 220 17.70 3.17 -3.45
C ASP B 220 17.77 3.27 -3.44
N PRO B 221 17.07 3.66 -2.38
CA PRO B 221 15.61 3.53 -2.39
C PRO B 221 14.91 4.42 -3.41
N ALA B 222 15.59 5.42 -3.95
CA ALA B 222 15.03 6.15 -5.08
C ALA B 222 14.69 5.21 -6.25
N GLU B 223 15.36 4.06 -6.37
N GLU B 223 15.40 4.09 -6.34
CA GLU B 223 15.11 3.14 -7.47
CA GLU B 223 15.26 3.16 -7.45
C GLU B 223 15.18 1.64 -7.09
C GLU B 223 14.78 1.76 -7.05
N ALA B 224 15.03 1.36 -5.81
CA ALA B 224 14.94 -0.02 -5.37
C ALA B 224 13.98 -0.24 -4.25
N PHE B 225 13.30 -1.38 -4.28
CA PHE B 225 12.52 -1.86 -3.14
C PHE B 225 13.41 -1.80 -1.89
N PRO B 226 12.87 -1.36 -0.75
CA PRO B 226 11.47 -1.06 -0.44
C PRO B 226 10.97 0.33 -0.76
N HIS B 227 11.82 1.17 -1.36
N HIS B 227 11.76 1.17 -1.41
CA HIS B 227 11.50 2.48 -1.96
CA HIS B 227 11.27 2.41 -2.03
C HIS B 227 11.28 3.64 -0.98
C HIS B 227 11.02 3.60 -1.10
N PHE B 228 10.77 3.35 0.20
CA PHE B 228 10.30 4.43 1.08
C PHE B 228 11.04 4.58 2.40
N LEU B 229 12.24 4.03 2.44
CA LEU B 229 13.15 4.22 3.57
C LEU B 229 14.53 3.79 3.09
N GLY B 230 15.58 4.21 3.81
CA GLY B 230 16.93 3.81 3.45
C GLY B 230 17.80 4.93 2.91
N TYR B 231 17.30 6.17 2.92
CA TYR B 231 18.15 7.30 2.52
C TYR B 231 19.25 7.58 3.56
N ALA B 232 20.38 8.10 3.09
CA ALA B 232 21.51 8.39 3.96
C ALA B 232 21.19 9.39 5.07
N GLU B 233 20.21 10.26 4.84
CA GLU B 233 19.89 11.29 5.82
C GLU B 233 19.23 10.72 7.07
N GLU B 234 18.77 9.46 7.03
CA GLU B 234 18.06 8.87 8.16
C GLU B 234 19.07 8.33 9.16
N THR B 235 19.27 9.05 10.26
CA THR B 235 20.32 8.66 11.19
C THR B 235 19.83 8.32 12.58
N GLY B 236 18.53 8.43 12.80
CA GLY B 236 17.91 8.07 14.07
C GLY B 236 17.25 9.25 14.74
N LYS B 237 16.39 8.98 15.70
CA LYS B 237 15.77 10.07 16.44
C LYS B 237 15.60 9.74 17.90
N GLY B 238 15.44 10.79 18.71
CA GLY B 238 15.32 10.62 20.15
C GLY B 238 16.49 9.86 20.74
N ALA B 239 16.20 8.85 21.55
CA ALA B 239 17.21 8.03 22.18
C ALA B 239 18.05 7.25 21.15
N GLY B 240 17.53 7.12 19.94
CA GLY B 240 18.24 6.44 18.89
C GLY B 240 19.05 7.37 18.00
N ALA B 241 19.18 8.64 18.37
CA ALA B 241 19.93 9.55 17.52
C ALA B 241 21.34 9.01 17.22
N GLY B 242 21.74 9.10 15.95
CA GLY B 242 23.05 8.65 15.55
C GLY B 242 23.27 7.15 15.52
N THR B 243 22.21 6.35 15.55
CA THR B 243 22.39 4.89 15.59
C THR B 243 21.78 4.18 14.38
N THR B 244 21.47 4.92 13.32
CA THR B 244 21.15 4.33 12.01
C THR B 244 22.15 4.87 10.99
N ALA B 245 22.75 3.98 10.22
CA ALA B 245 23.68 4.35 9.15
C ALA B 245 23.31 3.64 7.88
N ASN B 246 22.76 4.39 6.92
CA ASN B 246 22.35 3.84 5.63
C ASN B 246 23.36 4.20 4.54
N TYR B 247 23.68 3.20 3.73
CA TYR B 247 24.63 3.33 2.61
C TYR B 247 23.92 2.91 1.32
N PRO B 248 23.09 3.80 0.76
CA PRO B 248 22.46 3.54 -0.53
C PRO B 248 23.48 3.61 -1.67
N MET B 249 23.40 2.65 -2.59
CA MET B 249 24.33 2.57 -3.72
C MET B 249 23.55 2.25 -4.98
N GLY B 250 24.13 2.57 -6.12
CA GLY B 250 23.41 2.55 -7.37
C GLY B 250 23.61 1.34 -8.27
N ARG B 251 23.06 1.43 -9.47
N ARG B 251 23.08 1.43 -9.48
CA ARG B 251 23.08 0.33 -10.41
CA ARG B 251 23.06 0.30 -10.38
C ARG B 251 24.51 -0.11 -10.70
C ARG B 251 24.47 -0.11 -10.80
N GLY B 252 24.72 -1.41 -10.73
CA GLY B 252 26.00 -1.98 -11.14
C GLY B 252 27.08 -1.96 -10.08
N THR B 253 26.75 -1.55 -8.85
CA THR B 253 27.81 -1.41 -7.85
C THR B 253 28.58 -2.71 -7.65
N PRO B 254 29.92 -2.67 -7.82
CA PRO B 254 30.76 -3.85 -7.61
C PRO B 254 31.38 -3.84 -6.21
N TYR B 255 32.11 -4.90 -5.88
CA TYR B 255 32.68 -4.99 -4.54
C TYR B 255 33.68 -3.87 -4.26
N SER B 256 34.41 -3.42 -5.28
CA SER B 256 35.39 -2.37 -5.03
C SER B 256 34.73 -1.13 -4.40
N VAL B 257 33.48 -0.84 -4.78
CA VAL B 257 32.74 0.24 -4.15
C VAL B 257 31.93 -0.20 -2.91
N TRP B 258 31.22 -1.32 -3.03
CA TRP B 258 30.43 -1.82 -1.92
C TRP B 258 31.31 -2.08 -0.69
N GLY B 259 32.51 -2.62 -0.89
CA GLY B 259 33.39 -2.91 0.24
C GLY B 259 33.84 -1.66 0.97
N GLU B 260 33.90 -0.51 0.28
CA GLU B 260 34.24 0.75 0.95
C GLU B 260 33.13 1.12 1.92
N ALA B 261 31.87 0.94 1.52
CA ALA B 261 30.78 1.17 2.44
C ALA B 261 30.83 0.19 3.60
N LEU B 262 31.18 -1.07 3.33
CA LEU B 262 31.31 -2.05 4.40
C LEU B 262 32.33 -1.59 5.43
N THR B 263 33.50 -1.18 4.97
CA THR B 263 34.56 -0.67 5.85
C THR B 263 34.02 0.46 6.71
N ASP B 264 33.29 1.38 6.10
CA ASP B 264 32.81 2.54 6.86
C ASP B 264 31.80 2.08 7.89
N SER B 265 30.93 1.15 7.51
CA SER B 265 29.87 0.73 8.43
C SER B 265 30.52 0.06 9.64
N LEU B 266 31.60 -0.68 9.42
CA LEU B 266 32.25 -1.38 10.53
C LEU B 266 32.96 -0.39 11.45
N LYS B 267 33.50 0.70 10.90
N LYS B 267 33.49 0.69 10.89
CA LYS B 267 34.06 1.77 11.73
CA LYS B 267 34.10 1.76 11.66
C LYS B 267 32.97 2.35 12.63
C LYS B 267 33.07 2.37 12.61
N ARG B 268 31.80 2.60 12.04
N ARG B 268 31.85 2.61 12.10
CA ARG B 268 30.68 3.15 12.81
CA ARG B 268 30.80 3.20 12.92
C ARG B 268 30.29 2.22 13.94
C ARG B 268 30.26 2.23 13.97
N ILE B 269 30.19 0.94 13.63
CA ILE B 269 29.79 -0.06 14.60
C ILE B 269 30.83 -0.14 15.75
N ALA B 270 32.10 -0.12 15.38
CA ALA B 270 33.15 -0.15 16.40
C ALA B 270 33.11 1.09 17.32
N ALA B 271 32.83 2.26 16.73
CA ALA B 271 32.76 3.49 17.54
C ALA B 271 31.54 3.49 18.47
N PHE B 272 30.47 2.83 18.04
CA PHE B 272 29.28 2.66 18.87
C PHE B 272 29.56 1.70 20.04
N GLY B 273 30.53 0.79 19.88
CA GLY B 273 30.86 -0.15 20.93
C GLY B 273 29.99 -1.40 20.99
N ALA B 274 29.56 -1.90 19.84
CA ALA B 274 28.78 -3.13 19.79
C ALA B 274 29.51 -4.29 20.48
N GLU B 275 28.78 -5.04 21.31
CA GLU B 275 29.35 -6.21 21.96
C GLU B 275 29.26 -7.45 21.09
N ALA B 276 28.42 -7.39 20.06
CA ALA B 276 28.23 -8.46 19.07
C ALA B 276 27.55 -7.83 17.88
N ILE B 277 27.69 -8.47 16.73
CA ILE B 277 27.04 -8.01 15.52
C ILE B 277 26.13 -9.11 14.98
N VAL B 278 24.86 -8.76 14.78
CA VAL B 278 23.93 -9.63 14.07
C VAL B 278 24.00 -9.23 12.61
N VAL B 279 24.43 -10.15 11.77
CA VAL B 279 24.57 -9.87 10.34
C VAL B 279 23.31 -10.35 9.62
N SER B 280 22.54 -9.40 9.07
CA SER B 280 21.42 -9.76 8.19
C SER B 280 21.99 -10.05 6.82
N LEU B 281 22.21 -11.34 6.55
CA LEU B 281 22.90 -11.76 5.32
C LEU B 281 21.92 -12.11 4.22
N GLY B 282 21.81 -11.23 3.23
CA GLY B 282 21.22 -11.64 1.97
C GLY B 282 22.31 -11.70 0.93
N VAL B 283 22.19 -12.65 0.00
CA VAL B 283 23.18 -12.78 -1.08
C VAL B 283 22.57 -12.36 -2.40
N ASP B 284 21.52 -11.55 -2.32
CA ASP B 284 20.94 -10.92 -3.50
C ASP B 284 21.77 -9.77 -4.05
N THR B 285 22.92 -9.52 -3.44
CA THR B 285 23.91 -8.59 -3.99
C THR B 285 24.71 -9.22 -5.14
N PHE B 286 24.45 -10.50 -5.44
CA PHE B 286 25.21 -11.23 -6.43
C PHE B 286 24.89 -10.76 -7.82
N GLU B 287 25.89 -10.81 -8.70
CA GLU B 287 25.79 -10.31 -10.05
C GLU B 287 24.72 -10.99 -10.89
N GLN B 288 24.33 -12.21 -10.51
N GLN B 288 24.32 -12.21 -10.51
CA GLN B 288 23.26 -12.93 -11.23
CA GLN B 288 23.25 -12.91 -11.24
C GLN B 288 21.87 -12.80 -10.61
C GLN B 288 21.95 -13.00 -10.44
N ASP B 289 21.77 -12.12 -9.47
CA ASP B 289 20.49 -12.13 -8.74
C ASP B 289 19.36 -11.59 -9.62
N PRO B 290 18.21 -12.28 -9.67
CA PRO B 290 17.19 -11.89 -10.66
C PRO B 290 16.41 -10.61 -10.35
N ILE B 291 16.45 -10.12 -9.12
CA ILE B 291 15.64 -8.95 -8.78
C ILE B 291 16.47 -7.78 -8.29
N SER B 292 17.80 -7.85 -8.47
CA SER B 292 18.71 -6.90 -7.81
C SER B 292 19.78 -6.41 -8.78
N PHE B 293 20.43 -5.30 -8.45
CA PHE B 293 21.32 -4.63 -9.40
C PHE B 293 22.76 -4.40 -8.95
N PHE B 294 23.22 -5.12 -7.93
CA PHE B 294 24.64 -5.10 -7.59
C PHE B 294 25.41 -6.21 -8.32
N LYS B 295 26.74 -6.14 -8.25
CA LYS B 295 27.58 -7.01 -9.08
C LYS B 295 28.66 -7.70 -8.26
N LEU B 296 28.29 -8.21 -7.10
CA LEU B 296 29.26 -8.99 -6.34
C LEU B 296 29.49 -10.34 -6.98
N THR B 297 30.70 -10.86 -6.85
CA THR B 297 31.05 -12.17 -7.40
C THR B 297 31.13 -13.18 -6.26
N SER B 298 31.12 -14.47 -6.58
CA SER B 298 31.15 -15.46 -5.49
C SER B 298 32.38 -15.32 -4.57
N PRO B 299 33.58 -15.09 -5.12
CA PRO B 299 34.73 -14.86 -4.22
C PRO B 299 34.58 -13.67 -3.27
N ASP B 300 33.80 -12.65 -3.65
CA ASP B 300 33.64 -11.47 -2.81
C ASP B 300 32.98 -11.81 -1.47
N TYR B 301 32.16 -12.86 -1.45
CA TYR B 301 31.53 -13.27 -0.19
C TYR B 301 32.52 -13.75 0.86
N ILE B 302 33.61 -14.38 0.43
CA ILE B 302 34.64 -14.79 1.37
C ILE B 302 35.27 -13.54 1.97
N THR B 303 35.63 -12.57 1.13
CA THR B 303 36.20 -11.31 1.58
C THR B 303 35.26 -10.63 2.56
N MET B 304 33.97 -10.62 2.25
CA MET B 304 32.99 -9.97 3.09
C MET B 304 32.97 -10.59 4.50
N GLY B 305 32.88 -11.92 4.55
CA GLY B 305 32.82 -12.59 5.85
C GLY B 305 34.08 -12.37 6.67
N ARG B 306 35.24 -12.41 6.01
N ARG B 306 35.24 -12.41 6.01
CA ARG B 306 36.49 -12.19 6.70
CA ARG B 306 36.50 -12.19 6.71
C ARG B 306 36.54 -10.77 7.27
C ARG B 306 36.56 -10.76 7.27
N THR B 307 36.15 -9.78 6.47
CA THR B 307 36.19 -8.40 6.91
C THR B 307 35.23 -8.18 8.09
N ILE B 308 34.02 -8.73 8.01
CA ILE B 308 33.09 -8.50 9.13
C ILE B 308 33.61 -9.16 10.41
N ALA B 309 34.19 -10.36 10.28
CA ALA B 309 34.70 -11.08 11.44
C ALA B 309 35.97 -10.45 12.03
N ALA B 310 36.70 -9.67 11.24
N ALA B 310 36.72 -9.69 11.25
CA ALA B 310 37.89 -8.97 11.70
CA ALA B 310 38.08 -9.28 11.61
C ALA B 310 37.55 -7.84 12.68
C ALA B 310 38.29 -8.65 13.01
N SER B 311 36.26 -7.54 12.82
N SER B 311 37.27 -7.95 13.53
CA SER B 311 35.76 -6.66 13.88
CA SER B 311 37.44 -7.22 14.78
C SER B 311 36.22 -7.15 15.23
C SER B 311 37.45 -8.16 15.99
N GLY B 312 36.39 -8.46 15.35
N GLY B 312 36.95 -9.37 15.80
CA GLY B 312 36.85 -9.07 16.58
CA GLY B 312 36.92 -10.32 16.89
C GLY B 312 35.76 -9.22 17.62
C GLY B 312 35.63 -10.30 17.69
N VAL B 313 34.52 -9.00 17.22
N VAL B 313 34.78 -9.31 17.44
CA VAL B 313 33.41 -9.26 18.12
CA VAL B 313 33.48 -9.28 18.08
C VAL B 313 32.57 -10.39 17.56
C VAL B 313 32.63 -10.45 17.56
N PRO B 314 31.84 -11.07 18.43
CA PRO B 314 31.07 -12.23 17.97
C PRO B 314 30.01 -11.88 16.93
N LEU B 315 29.77 -12.81 16.00
CA LEU B 315 28.81 -12.63 14.92
C LEU B 315 27.72 -13.68 14.98
N LEU B 316 26.46 -13.23 14.88
CA LEU B 316 25.39 -14.14 14.50
C LEU B 316 25.01 -13.82 13.08
N VAL B 317 25.16 -14.77 12.17
CA VAL B 317 24.74 -14.59 10.80
C VAL B 317 23.31 -15.07 10.64
N VAL B 318 22.41 -14.20 10.17
CA VAL B 318 20.99 -14.49 10.06
C VAL B 318 20.60 -14.40 8.59
N MET B 319 20.05 -15.48 8.07
CA MET B 319 19.72 -15.52 6.63
C MET B 319 18.56 -14.59 6.27
N GLU B 320 18.75 -13.83 5.20
CA GLU B 320 17.72 -12.96 4.60
C GLU B 320 17.48 -13.43 3.16
N GLY B 321 17.73 -12.58 2.16
CA GLY B 321 17.37 -12.88 0.77
C GLY B 321 18.50 -13.44 -0.08
N GLY B 322 18.27 -13.43 -1.41
CA GLY B 322 19.15 -14.10 -2.38
C GLY B 322 18.33 -15.11 -3.14
N TYR B 323 18.24 -14.94 -4.47
CA TYR B 323 17.20 -15.60 -5.27
C TYR B 323 17.71 -16.31 -6.52
N GLY B 324 16.87 -17.19 -7.04
CA GLY B 324 16.95 -17.61 -8.44
C GLY B 324 17.88 -18.74 -8.78
N VAL B 325 19.15 -18.59 -8.42
CA VAL B 325 20.22 -19.49 -8.85
C VAL B 325 20.75 -20.34 -7.68
N PRO B 326 21.19 -21.58 -7.96
CA PRO B 326 21.69 -22.44 -6.87
C PRO B 326 22.94 -21.84 -6.20
N GLU B 327 23.61 -20.92 -6.86
N GLU B 327 23.62 -20.93 -6.90
N GLU B 327 23.64 -20.95 -6.90
CA GLU B 327 24.79 -20.31 -6.27
CA GLU B 327 24.78 -20.22 -6.36
CA GLU B 327 24.80 -20.24 -6.33
C GLU B 327 24.47 -19.39 -5.09
C GLU B 327 24.46 -19.43 -5.08
C GLU B 327 24.47 -19.45 -5.06
N ILE B 328 23.19 -19.21 -4.79
CA ILE B 328 22.84 -18.59 -3.51
C ILE B 328 23.47 -19.38 -2.34
N GLY B 329 23.54 -20.71 -2.50
CA GLY B 329 24.15 -21.54 -1.48
C GLY B 329 25.65 -21.33 -1.35
N LEU B 330 26.35 -21.42 -2.47
CA LEU B 330 27.79 -21.14 -2.52
C LEU B 330 28.09 -19.78 -1.91
N ASN B 331 27.28 -18.78 -2.22
CA ASN B 331 27.57 -17.44 -1.76
C ASN B 331 27.42 -17.33 -0.25
N VAL B 332 26.37 -17.93 0.30
CA VAL B 332 26.22 -17.95 1.76
C VAL B 332 27.37 -18.72 2.39
N ALA B 333 27.66 -19.90 1.86
CA ALA B 333 28.74 -20.72 2.41
C ALA B 333 30.07 -19.96 2.38
N ASN B 334 30.29 -19.15 1.34
CA ASN B 334 31.52 -18.36 1.24
C ASN B 334 31.61 -17.31 2.34
N VAL B 335 30.49 -16.69 2.70
CA VAL B 335 30.53 -15.79 3.85
C VAL B 335 30.97 -16.54 5.10
N LEU B 336 30.40 -17.73 5.31
CA LEU B 336 30.77 -18.51 6.49
C LEU B 336 32.24 -18.92 6.46
N LYS B 337 32.78 -19.25 5.29
CA LYS B 337 34.22 -19.54 5.14
C LYS B 337 35.04 -18.34 5.54
N GLY B 338 34.61 -17.14 5.16
CA GLY B 338 35.35 -15.93 5.53
C GLY B 338 35.32 -15.71 7.03
N VAL B 339 34.16 -15.92 7.64
CA VAL B 339 34.03 -15.81 9.09
C VAL B 339 34.90 -16.83 9.82
N ALA B 340 34.89 -18.07 9.34
CA ALA B 340 35.55 -19.17 10.05
C ALA B 340 37.04 -19.30 9.82
N GLY B 341 37.53 -18.65 8.77
CA GLY B 341 38.90 -18.82 8.33
C GLY B 341 39.93 -18.10 9.15
#